data_6SE5
#
_entry.id   6SE5
#
_cell.length_a   109.322
_cell.length_b   153.117
_cell.length_c   169.902
_cell.angle_alpha   90.000
_cell.angle_beta   90.000
_cell.angle_gamma   90.000
#
_symmetry.space_group_name_H-M   'I 2 2 2'
#
loop_
_entity.id
_entity.type
_entity.pdbx_description
1 polymer 'Mgp-operon protein 3'
2 non-polymer 'POTASSIUM ION'
3 water water
#
_entity_poly.entity_id   1
_entity_poly.type   'polypeptide(L)'
_entity_poly.pdbx_seq_one_letter_code
;ALANTFLVKEDSKNVTAYTPFATPITDSKSDLVSLAQLDSSYQIADQTIHNTNLFVLFKSRDVKVKYESSGSNNISFDST
SQGEKPSYVVEFTNSTNIGIKWTMVKKYQLDVPNVSSDMNQVLKNLILEQPLTKYTLNSSLAKEKGKTQREVHLGSGQAN
QWTSQRNQHDLNNNPSPNASTGFKLTTGNAYRKLSESWPIYEPIDGTKQGKGKDSSGWSSTEENEAKNDAPSVSGGGSSS
GTFNKYLNTKQALESIGILFDDQTPRNVITQLYYASTSKLAVTNNHIVVMGNSFLPSMWYWVVERSAQENASNKPTWFAN
TNLDWGEDKQKQFVENQLGYKETTSTNSHNFHSKSFTQPAYLISGIDSVNDQIIFSGFKAGSVGYDSSSSSSSSSSSSTK
DQALAWSTTTSLDSKTGYKDLVTNDTGLNGPINGSFSIQDTFSFVVPYSGNHTNNGTTGPIKTAYPVKKDQKSTVKINSL
INATPLNSYGDEGIGVFDALGLNYNFKSNQERLPSRTDQIFVYGIVSPNELRSAKSSADSTGSDTKVNWSNTQSRYLPVP
YNYSEGIIDADGFKRPENRGASVTTFSGLKSIAPDGFANSIANFSVGLKAGIDPNPVMSGKKANYGAVVLTRGGVVRLNF
NPGNDSLLSTTDNNIAPISFSFTPFTAAESAVDLTTFKEVTYNQESGLWSYIFDSSLKPSHDGKQTPVTDNMGFSVITVS
RTGIELNQDQATTTLDVAPSALAVQSGIQSTTQTLTGVLPLSEEFSAVIAKDSDQNKIDIYKNNNGLFEIDTQLSNSVAT
NNGGLAPSATENRVDAWGKVEFADNSVLQARNLVDKTVDEIINTPEILNSFFRFTPAFEDQKATLVATKQSDTSLSVSPR
IQFLDGNFYDLNSTIAGVPLNIGFPSRVFAGFAALPAHHHHHH
;
_entity_poly.pdbx_strand_id   A
#
loop_
_chem_comp.id
_chem_comp.type
_chem_comp.name
_chem_comp.formula
K non-polymer 'POTASSIUM ION' 'K 1'
#
# COMPACT_ATOMS: atom_id res chain seq x y z
N ALA A 3 3.59 4.94 -24.35
CA ALA A 3 3.43 5.34 -25.74
C ALA A 3 2.71 4.23 -26.60
N ASN A 4 1.51 3.79 -26.14
CA ASN A 4 0.73 2.69 -26.75
C ASN A 4 1.49 1.37 -26.49
N THR A 5 2.51 1.43 -25.62
CA THR A 5 3.32 0.29 -25.20
C THR A 5 3.03 0.02 -23.73
N PHE A 6 3.18 -1.23 -23.30
CA PHE A 6 2.95 -1.67 -21.94
C PHE A 6 4.22 -2.33 -21.47
N LEU A 7 4.82 -1.83 -20.38
CA LEU A 7 6.04 -2.45 -19.90
C LEU A 7 5.66 -3.54 -18.94
N VAL A 8 6.11 -4.75 -19.22
CA VAL A 8 5.78 -5.94 -18.42
C VAL A 8 7.05 -6.49 -17.80
N LYS A 9 7.09 -6.56 -16.48
CA LYS A 9 8.19 -7.11 -15.71
C LYS A 9 8.06 -8.66 -15.82
N GLU A 10 8.90 -9.30 -16.67
CA GLU A 10 8.91 -10.75 -16.93
C GLU A 10 9.46 -11.57 -15.77
N ASP A 11 10.42 -11.01 -15.02
CA ASP A 11 11.01 -11.65 -13.84
C ASP A 11 11.68 -10.59 -12.95
N SER A 12 12.53 -10.99 -12.00
CA SER A 12 13.21 -10.10 -11.03
C SER A 12 14.21 -9.11 -11.65
N LYS A 13 14.67 -9.37 -12.88
CA LYS A 13 15.65 -8.56 -13.60
C LYS A 13 15.17 -8.02 -14.95
N ASN A 14 14.26 -8.74 -15.66
CA ASN A 14 13.83 -8.37 -17.02
C ASN A 14 12.49 -7.68 -17.17
N VAL A 15 12.47 -6.65 -18.03
CA VAL A 15 11.29 -5.85 -18.38
C VAL A 15 11.21 -5.82 -19.91
N THR A 16 10.03 -6.25 -20.45
CA THR A 16 9.74 -6.33 -21.88
C THR A 16 8.64 -5.33 -22.26
N ALA A 17 8.74 -4.75 -23.47
CA ALA A 17 7.73 -3.84 -23.95
C ALA A 17 6.72 -4.66 -24.76
N TYR A 18 5.43 -4.45 -24.48
CA TYR A 18 4.30 -5.12 -25.14
C TYR A 18 3.45 -4.09 -25.91
N THR A 19 2.86 -4.52 -27.04
CA THR A 19 1.98 -3.71 -27.89
C THR A 19 0.51 -3.90 -27.37
N PRO A 20 -0.48 -3.09 -27.86
CA PRO A 20 -1.87 -3.29 -27.41
C PRO A 20 -2.44 -4.65 -27.82
N PHE A 21 -1.75 -5.35 -28.73
CA PHE A 21 -2.15 -6.65 -29.27
C PHE A 21 -1.61 -7.80 -28.46
N ALA A 22 -1.02 -7.47 -27.28
CA ALA A 22 -0.43 -8.40 -26.31
C ALA A 22 0.71 -9.25 -26.92
N THR A 23 1.49 -8.61 -27.80
CA THR A 23 2.69 -9.18 -28.40
C THR A 23 3.89 -8.37 -27.94
N PRO A 24 5.04 -9.03 -27.67
CA PRO A 24 6.23 -8.26 -27.28
C PRO A 24 6.94 -7.62 -28.48
N ILE A 25 7.49 -6.41 -28.27
CA ILE A 25 8.27 -5.72 -29.31
C ILE A 25 9.61 -6.48 -29.40
N THR A 26 10.01 -6.89 -30.63
CA THR A 26 11.25 -7.66 -30.86
C THR A 26 12.46 -6.92 -30.27
N ASP A 27 13.28 -7.66 -29.48
CA ASP A 27 14.50 -7.22 -28.79
C ASP A 27 14.28 -6.19 -27.66
N SER A 28 13.02 -5.97 -27.21
CA SER A 28 12.73 -5.01 -26.14
C SER A 28 13.03 -5.53 -24.73
N LYS A 29 13.13 -6.87 -24.58
CA LYS A 29 13.41 -7.55 -23.31
C LYS A 29 14.77 -7.11 -22.81
N SER A 30 14.79 -6.49 -21.65
CA SER A 30 16.01 -5.92 -21.12
C SER A 30 16.28 -6.35 -19.71
N ASP A 31 17.51 -6.81 -19.44
CA ASP A 31 17.95 -7.17 -18.09
C ASP A 31 18.38 -5.82 -17.53
N LEU A 32 17.50 -5.18 -16.76
CA LEU A 32 17.74 -3.84 -16.23
C LEU A 32 18.74 -3.85 -15.09
N VAL A 33 18.98 -5.03 -14.47
CA VAL A 33 19.98 -5.18 -13.40
C VAL A 33 21.37 -5.03 -14.06
N SER A 34 21.64 -5.83 -15.11
CA SER A 34 22.87 -5.84 -15.90
C SER A 34 23.13 -4.46 -16.48
N LEU A 35 22.07 -3.83 -17.01
CA LEU A 35 22.11 -2.50 -17.60
C LEU A 35 22.45 -1.41 -16.57
N ALA A 36 21.99 -1.57 -15.32
CA ALA A 36 22.26 -0.63 -14.21
C ALA A 36 23.65 -0.84 -13.67
N GLN A 37 24.38 -1.83 -14.23
CA GLN A 37 25.76 -2.21 -13.88
C GLN A 37 25.84 -2.73 -12.45
N LEU A 38 24.77 -3.43 -12.04
CA LEU A 38 24.60 -4.03 -10.73
C LEU A 38 24.81 -5.53 -10.83
N ASP A 39 25.27 -6.16 -9.73
CA ASP A 39 25.52 -7.60 -9.71
C ASP A 39 24.22 -8.40 -9.65
N SER A 40 24.34 -9.72 -9.85
CA SER A 40 23.24 -10.69 -9.89
C SER A 40 22.38 -10.75 -8.64
N SER A 41 22.84 -10.26 -7.46
CA SER A 41 22.03 -10.31 -6.23
C SER A 41 20.90 -9.28 -6.21
N TYR A 42 20.99 -8.27 -7.08
CA TYR A 42 20.02 -7.19 -7.22
C TYR A 42 18.79 -7.65 -7.99
N GLN A 43 17.65 -7.03 -7.68
CA GLN A 43 16.37 -7.26 -8.31
C GLN A 43 15.54 -5.98 -8.32
N ILE A 44 14.61 -5.87 -9.30
CA ILE A 44 13.70 -4.74 -9.44
C ILE A 44 12.70 -4.77 -8.27
N ALA A 45 12.63 -3.71 -7.45
CA ALA A 45 11.69 -3.62 -6.34
C ALA A 45 10.42 -2.88 -6.79
N ASP A 46 10.60 -1.87 -7.66
CA ASP A 46 9.53 -1.04 -8.24
C ASP A 46 10.08 -0.31 -9.44
N GLN A 47 9.18 0.13 -10.31
CA GLN A 47 9.50 0.92 -11.49
C GLN A 47 8.36 1.87 -11.77
N THR A 48 8.68 3.00 -12.41
CA THR A 48 7.74 4.02 -12.80
C THR A 48 8.25 4.80 -14.00
N ILE A 49 7.36 5.25 -14.85
CA ILE A 49 7.71 6.09 -15.97
C ILE A 49 7.47 7.53 -15.53
N HIS A 50 8.41 8.40 -15.89
CA HIS A 50 8.28 9.85 -15.62
C HIS A 50 8.66 10.62 -16.88
N ASN A 51 7.69 11.30 -17.49
CA ASN A 51 7.93 12.13 -18.66
C ASN A 51 8.85 11.42 -19.65
N THR A 52 8.43 10.26 -20.16
CA THR A 52 9.12 9.44 -21.20
C THR A 52 10.27 8.54 -20.71
N ASN A 53 10.89 8.80 -19.54
CA ASN A 53 11.97 7.94 -19.03
C ASN A 53 11.52 6.97 -17.93
N LEU A 54 12.19 5.80 -17.82
CA LEU A 54 11.91 4.76 -16.82
C LEU A 54 12.85 4.91 -15.60
N PHE A 55 12.26 4.90 -14.39
CA PHE A 55 12.97 4.96 -13.10
C PHE A 55 12.78 3.66 -12.38
N VAL A 56 13.90 2.96 -12.11
CA VAL A 56 13.87 1.64 -11.48
C VAL A 56 14.56 1.65 -10.14
N LEU A 57 13.87 1.11 -9.11
CA LEU A 57 14.33 0.92 -7.76
C LEU A 57 14.83 -0.54 -7.65
N PHE A 58 16.10 -0.74 -7.26
CA PHE A 58 16.79 -2.04 -7.17
C PHE A 58 17.27 -2.29 -5.74
N LYS A 59 17.19 -3.54 -5.25
CA LYS A 59 17.65 -3.98 -3.92
C LYS A 59 18.28 -5.36 -4.03
N SER A 60 19.26 -5.63 -3.18
CA SER A 60 20.10 -6.81 -3.19
C SER A 60 19.79 -7.81 -2.08
N ARG A 61 19.63 -9.09 -2.46
CA ARG A 61 19.43 -10.21 -1.54
C ARG A 61 20.66 -10.40 -0.61
N ASP A 62 21.80 -9.77 -0.95
CA ASP A 62 23.08 -9.87 -0.24
C ASP A 62 23.32 -8.78 0.81
N VAL A 63 22.52 -7.71 0.82
CA VAL A 63 22.69 -6.59 1.76
C VAL A 63 22.71 -7.07 3.24
N LYS A 64 23.71 -6.57 4.00
CA LYS A 64 23.90 -6.82 5.43
C LYS A 64 24.16 -5.46 6.10
N VAL A 65 23.36 -5.11 7.11
CA VAL A 65 23.47 -3.85 7.83
C VAL A 65 23.79 -4.13 9.31
N LYS A 66 24.67 -3.32 9.89
CA LYS A 66 25.07 -3.40 11.29
C LYS A 66 24.55 -2.16 12.02
N TYR A 67 24.17 -2.35 13.30
CA TYR A 67 23.84 -1.29 14.25
C TYR A 67 24.78 -1.49 15.44
N GLU A 68 25.61 -0.48 15.70
CA GLU A 68 26.57 -0.44 16.80
C GLU A 68 26.15 0.69 17.72
N SER A 69 25.77 0.33 18.93
CA SER A 69 25.34 1.24 19.97
C SER A 69 26.39 2.29 20.37
N SER A 70 27.68 1.94 20.27
CA SER A 70 28.76 2.84 20.66
C SER A 70 29.30 3.70 19.52
N GLY A 71 29.78 4.89 19.90
CA GLY A 71 30.36 5.88 19.01
C GLY A 71 29.33 6.55 18.12
N SER A 72 29.81 7.14 17.01
CA SER A 72 29.01 7.81 15.98
C SER A 72 28.87 6.90 14.75
N ASN A 73 28.04 7.30 13.77
CA ASN A 73 27.75 6.50 12.57
C ASN A 73 27.46 5.05 12.95
N ASN A 74 26.41 4.89 13.77
CA ASN A 74 25.93 3.66 14.38
C ASN A 74 25.40 2.65 13.37
N ILE A 75 24.57 3.11 12.42
CA ILE A 75 24.03 2.28 11.33
C ILE A 75 25.06 2.31 10.19
N SER A 76 25.53 1.12 9.75
CA SER A 76 26.52 1.02 8.67
C SER A 76 26.37 -0.31 7.93
N PHE A 77 26.69 -0.34 6.61
CA PHE A 77 26.65 -1.60 5.87
C PHE A 77 27.82 -2.45 6.35
N ASP A 78 27.61 -3.78 6.44
CA ASP A 78 28.62 -4.74 6.85
C ASP A 78 29.51 -4.99 5.64
N SER A 79 30.65 -4.26 5.62
CA SER A 79 31.69 -4.25 4.58
C SER A 79 32.35 -5.63 4.37
N THR A 80 32.55 -6.41 5.45
CA THR A 80 33.17 -7.74 5.38
C THR A 80 32.32 -8.69 4.51
N SER A 81 32.96 -9.25 3.46
CA SER A 81 32.38 -10.11 2.41
C SER A 81 31.39 -9.33 1.53
N GLN A 82 30.35 -9.98 0.99
CA GLN A 82 29.39 -9.35 0.08
C GLN A 82 28.17 -8.68 0.79
N GLY A 83 28.45 -7.81 1.76
CA GLY A 83 27.42 -7.14 2.54
C GLY A 83 27.11 -5.70 2.19
N GLU A 84 28.11 -4.94 1.68
CA GLU A 84 27.90 -3.55 1.29
C GLU A 84 27.28 -3.49 -0.12
N LYS A 85 25.97 -3.75 -0.17
CA LYS A 85 25.18 -3.77 -1.39
C LYS A 85 23.96 -2.85 -1.24
N PRO A 86 24.16 -1.51 -1.32
CA PRO A 86 23.04 -0.57 -1.10
C PRO A 86 22.00 -0.63 -2.22
N SER A 87 20.79 -0.16 -1.93
CA SER A 87 19.75 -0.10 -2.95
C SER A 87 20.05 1.09 -3.89
N TYR A 88 19.53 1.04 -5.14
CA TYR A 88 19.77 2.08 -6.13
C TYR A 88 18.53 2.47 -6.87
N VAL A 89 18.43 3.76 -7.22
CA VAL A 89 17.37 4.21 -8.12
C VAL A 89 18.10 4.56 -9.41
N VAL A 90 17.63 4.02 -10.54
CA VAL A 90 18.27 4.26 -11.82
C VAL A 90 17.31 4.84 -12.83
N GLU A 91 17.72 5.93 -13.49
CA GLU A 91 16.92 6.51 -14.57
C GLU A 91 17.47 5.96 -15.89
N PHE A 92 16.57 5.42 -16.73
CA PHE A 92 16.89 4.86 -18.04
C PHE A 92 16.14 5.65 -19.10
N THR A 93 16.78 5.81 -20.25
CA THR A 93 16.17 6.48 -21.39
C THR A 93 16.14 5.53 -22.59
N ASN A 94 15.23 5.78 -23.53
CA ASN A 94 15.15 4.97 -24.74
C ASN A 94 15.97 5.67 -25.84
N SER A 95 17.14 5.10 -26.16
CA SER A 95 18.12 5.63 -27.11
C SER A 95 17.76 5.47 -28.59
N THR A 96 16.82 4.58 -28.94
CA THR A 96 16.40 4.38 -30.35
C THR A 96 15.08 5.03 -30.67
N ASN A 97 14.84 5.24 -31.98
CA ASN A 97 13.58 5.76 -32.53
C ASN A 97 12.75 4.63 -33.16
N ILE A 98 13.36 3.44 -33.36
CA ILE A 98 12.71 2.22 -33.88
C ILE A 98 12.97 1.10 -32.86
N GLY A 99 12.01 0.87 -31.99
CA GLY A 99 12.12 -0.15 -30.96
C GLY A 99 12.48 0.40 -29.61
N ILE A 100 12.91 -0.50 -28.72
CA ILE A 100 13.28 -0.19 -27.35
C ILE A 100 14.74 -0.59 -27.10
N LYS A 101 15.58 0.40 -26.78
CA LYS A 101 16.99 0.22 -26.43
C LYS A 101 17.24 1.10 -25.21
N TRP A 102 16.99 0.54 -24.00
CA TRP A 102 17.17 1.25 -22.72
C TRP A 102 18.65 1.50 -22.46
N THR A 103 18.98 2.75 -22.08
CA THR A 103 20.33 3.21 -21.72
C THR A 103 20.24 3.94 -20.37
N MET A 104 21.19 3.69 -19.50
CA MET A 104 21.25 4.32 -18.20
C MET A 104 21.69 5.80 -18.33
N VAL A 105 20.94 6.70 -17.65
CA VAL A 105 21.17 8.15 -17.59
C VAL A 105 21.80 8.54 -16.25
N LYS A 106 21.17 8.12 -15.13
CA LYS A 106 21.53 8.49 -13.77
C LYS A 106 21.33 7.33 -12.81
N LYS A 107 22.20 7.24 -11.80
CA LYS A 107 22.22 6.21 -10.79
C LYS A 107 22.30 6.89 -9.43
N TYR A 108 21.43 6.50 -8.49
CA TYR A 108 21.39 7.11 -7.17
C TYR A 108 21.51 6.06 -6.09
N GLN A 109 22.54 6.16 -5.24
CA GLN A 109 22.74 5.26 -4.11
C GLN A 109 21.82 5.70 -2.98
N LEU A 110 21.22 4.73 -2.29
CA LEU A 110 20.32 4.96 -1.17
C LEU A 110 21.08 4.54 0.09
N ASP A 111 21.78 5.49 0.70
CA ASP A 111 22.61 5.21 1.87
C ASP A 111 21.79 5.00 3.15
N VAL A 112 22.44 4.36 4.15
CA VAL A 112 21.94 4.07 5.50
C VAL A 112 21.70 5.42 6.25
N PRO A 113 20.84 5.47 7.30
CA PRO A 113 20.60 6.76 7.95
C PRO A 113 21.70 7.25 8.86
N ASN A 114 21.80 8.59 8.98
CA ASN A 114 22.67 9.24 9.94
C ASN A 114 21.93 9.10 11.27
N VAL A 115 22.68 8.97 12.36
CA VAL A 115 22.11 8.82 13.69
C VAL A 115 22.70 9.93 14.55
N SER A 116 21.84 10.83 15.03
CA SER A 116 22.28 11.93 15.88
C SER A 116 22.48 11.36 17.30
N SER A 117 23.15 12.13 18.17
CA SER A 117 23.38 11.73 19.55
C SER A 117 22.04 11.38 20.19
N ASP A 118 21.03 12.28 20.08
CA ASP A 118 19.69 12.10 20.64
C ASP A 118 19.01 10.86 20.10
N MET A 119 19.14 10.60 18.78
CA MET A 119 18.55 9.43 18.12
C MET A 119 19.15 8.13 18.66
N ASN A 120 20.48 8.03 18.76
CA ASN A 120 21.17 6.86 19.27
C ASN A 120 20.78 6.46 20.71
N GLN A 121 20.43 7.45 21.55
CA GLN A 121 19.98 7.27 22.93
C GLN A 121 18.66 6.52 22.94
N VAL A 122 17.83 6.70 21.89
CA VAL A 122 16.56 5.97 21.76
C VAL A 122 16.84 4.62 21.09
N LEU A 123 17.63 4.62 20.01
CA LEU A 123 18.00 3.44 19.23
C LEU A 123 18.70 2.35 20.03
N LYS A 124 19.54 2.72 21.03
CA LYS A 124 20.28 1.75 21.86
C LYS A 124 19.36 0.76 22.57
N ASN A 125 18.16 1.21 22.99
CA ASN A 125 17.25 0.25 23.62
C ASN A 125 15.94 0.09 22.86
N LEU A 126 15.95 0.41 21.54
CA LEU A 126 14.80 0.25 20.70
C LEU A 126 14.63 -1.23 20.46
N ILE A 127 13.37 -1.68 20.54
CA ILE A 127 12.95 -3.05 20.40
C ILE A 127 11.76 -3.13 19.39
N LEU A 128 11.81 -4.07 18.41
CA LEU A 128 10.75 -4.19 17.40
C LEU A 128 10.13 -5.58 17.39
N GLU A 129 8.79 -5.65 17.27
CA GLU A 129 8.07 -6.91 17.23
C GLU A 129 8.40 -7.71 15.97
N GLN A 130 8.36 -9.07 16.05
CA GLN A 130 8.56 -9.91 14.87
C GLN A 130 7.46 -9.62 13.81
N PRO A 131 7.76 -9.61 12.48
CA PRO A 131 6.73 -9.21 11.49
C PRO A 131 5.48 -10.07 11.43
N LEU A 132 4.32 -9.45 11.10
CA LEU A 132 3.08 -10.21 10.97
C LEU A 132 3.10 -10.94 9.62
N THR A 133 2.73 -12.24 9.60
CA THR A 133 2.68 -12.98 8.33
C THR A 133 1.25 -13.34 8.03
N LYS A 134 1.03 -13.98 6.86
CA LYS A 134 -0.26 -14.52 6.37
C LYS A 134 -0.86 -15.47 7.44
N TYR A 135 0.03 -16.16 8.18
CA TYR A 135 -0.35 -17.22 9.13
C TYR A 135 -0.37 -16.79 10.63
N THR A 136 -0.07 -15.52 10.96
CA THR A 136 -0.13 -14.99 12.33
C THR A 136 -1.59 -15.03 12.80
N LEU A 137 -1.83 -15.65 13.96
CA LEU A 137 -3.18 -15.79 14.49
C LEU A 137 -3.54 -14.61 15.41
N ASN A 138 -4.83 -14.40 15.71
CA ASN A 138 -5.26 -13.39 16.68
C ASN A 138 -4.59 -13.72 18.01
N SER A 139 -4.66 -15.00 18.45
CA SER A 139 -4.04 -15.51 19.67
C SER A 139 -2.52 -15.35 19.67
N SER A 140 -1.87 -15.37 18.48
CA SER A 140 -0.42 -15.13 18.31
C SER A 140 -0.07 -13.70 18.71
N LEU A 141 -0.96 -12.74 18.37
CA LEU A 141 -0.76 -11.32 18.65
C LEU A 141 -1.13 -10.95 20.08
N ALA A 142 -2.05 -11.72 20.72
CA ALA A 142 -2.50 -11.54 22.11
C ALA A 142 -1.29 -11.55 23.02
N LYS A 143 -1.32 -10.69 24.03
CA LYS A 143 -0.26 -10.58 25.02
C LYS A 143 -0.85 -10.47 26.39
N GLU A 144 -0.12 -10.98 27.39
CA GLU A 144 -0.51 -10.97 28.79
C GLU A 144 -0.81 -9.56 29.26
N LYS A 145 -1.94 -9.36 29.95
CA LYS A 145 -2.37 -8.06 30.49
C LYS A 145 -1.36 -7.58 31.52
N GLY A 146 -1.17 -6.27 31.57
CA GLY A 146 -0.25 -5.62 32.48
C GLY A 146 -0.88 -5.33 33.81
N LYS A 147 -0.16 -4.61 34.68
CA LYS A 147 -0.61 -4.20 36.02
C LYS A 147 -1.79 -3.24 35.89
N THR A 148 -2.65 -3.15 36.92
CA THR A 148 -3.76 -2.20 36.86
C THR A 148 -3.23 -0.81 37.29
N GLN A 149 -4.04 0.27 37.12
CA GLN A 149 -3.65 1.63 37.52
C GLN A 149 -3.41 1.73 39.04
N ARG A 150 -4.21 1.00 39.84
CA ARG A 150 -4.12 0.92 41.29
C ARG A 150 -2.80 0.27 41.72
N GLU A 151 -2.39 -0.83 41.04
CA GLU A 151 -1.16 -1.57 41.30
C GLU A 151 0.11 -0.76 41.00
N VAL A 152 0.09 0.07 39.95
CA VAL A 152 1.25 0.87 39.53
C VAL A 152 1.54 2.05 40.49
N HIS A 153 0.49 2.85 40.79
CA HIS A 153 0.60 4.05 41.61
C HIS A 153 0.55 3.81 43.14
N LEU A 154 -0.34 2.93 43.61
CA LEU A 154 -0.50 2.63 45.03
C LEU A 154 0.29 1.38 45.46
N GLY A 155 0.22 0.33 44.65
CA GLY A 155 0.92 -0.93 44.90
C GLY A 155 0.12 -1.96 45.67
N SER A 156 0.82 -3.01 46.18
CA SER A 156 0.24 -4.09 46.97
C SER A 156 0.09 -3.66 48.45
N GLY A 157 -1.16 -3.50 48.86
CA GLY A 157 -1.58 -3.10 50.19
C GLY A 157 -3.07 -3.35 50.37
N GLN A 158 -3.89 -2.52 49.69
CA GLN A 158 -5.37 -2.62 49.66
C GLN A 158 -5.96 -1.97 48.38
N ALA A 159 -7.30 -2.06 48.23
CA ALA A 159 -8.06 -1.58 47.07
C ALA A 159 -8.91 -0.32 47.32
N ASN A 160 -9.61 -0.28 48.47
CA ASN A 160 -10.52 0.78 48.89
C ASN A 160 -9.90 2.19 49.03
N GLN A 161 -8.57 2.29 49.24
CA GLN A 161 -7.86 3.57 49.43
C GLN A 161 -7.72 4.42 48.12
N TRP A 162 -8.20 3.90 46.95
CA TRP A 162 -8.15 4.57 45.64
C TRP A 162 -8.86 5.92 45.63
N THR A 163 -10.13 5.97 46.06
CA THR A 163 -10.96 7.18 46.10
C THR A 163 -10.30 8.33 46.90
N SER A 164 -9.46 7.97 47.89
CA SER A 164 -8.75 8.91 48.76
C SER A 164 -7.33 9.27 48.30
N GLN A 165 -6.60 8.33 47.66
CA GLN A 165 -5.22 8.53 47.24
C GLN A 165 -4.99 8.87 45.75
N ARG A 166 -6.06 8.92 44.92
CA ARG A 166 -5.93 9.22 43.48
C ARG A 166 -5.48 10.65 43.21
N ASN A 167 -5.91 11.60 44.07
CA ASN A 167 -5.59 13.02 43.99
C ASN A 167 -4.08 13.31 44.16
N GLN A 168 -3.40 12.49 44.96
CA GLN A 168 -1.96 12.59 45.22
C GLN A 168 -1.15 12.17 43.97
N HIS A 169 -1.66 11.18 43.20
CA HIS A 169 -1.01 10.66 41.99
C HIS A 169 -1.49 11.33 40.69
N ASP A 170 -2.21 12.47 40.84
CA ASP A 170 -2.78 13.29 39.78
C ASP A 170 -3.83 12.53 38.93
N LEU A 171 -4.64 11.68 39.59
CA LEU A 171 -5.70 10.88 38.97
C LEU A 171 -7.07 11.30 39.51
N ASN A 172 -7.28 12.62 39.65
CA ASN A 172 -8.50 13.25 40.16
C ASN A 172 -9.73 12.79 39.38
N ASN A 173 -10.74 12.25 40.09
CA ASN A 173 -12.02 11.76 39.55
C ASN A 173 -11.88 10.59 38.54
N ASN A 174 -10.73 9.87 38.54
CA ASN A 174 -10.52 8.72 37.66
C ASN A 174 -11.31 7.52 38.23
N PRO A 175 -12.34 7.01 37.50
CA PRO A 175 -13.12 5.89 38.05
C PRO A 175 -12.56 4.53 37.70
N SER A 176 -11.30 4.47 37.26
CA SER A 176 -10.70 3.25 36.77
C SER A 176 -9.39 2.83 37.46
N PRO A 177 -9.47 2.26 38.68
CA PRO A 177 -8.25 1.76 39.31
C PRO A 177 -7.80 0.44 38.68
N ASN A 178 -8.77 -0.33 38.17
CA ASN A 178 -8.56 -1.64 37.57
C ASN A 178 -8.42 -1.59 36.03
N ALA A 179 -8.01 -0.42 35.49
CA ALA A 179 -7.74 -0.21 34.07
C ALA A 179 -6.31 -0.67 33.80
N SER A 180 -6.14 -1.54 32.79
CA SER A 180 -4.84 -2.11 32.43
C SER A 180 -3.87 -1.03 31.93
N THR A 181 -2.63 -1.06 32.44
CA THR A 181 -1.58 -0.11 32.06
C THR A 181 -0.79 -0.59 30.83
N GLY A 182 -1.08 -1.80 30.34
CA GLY A 182 -0.42 -2.34 29.16
C GLY A 182 -0.41 -3.84 29.04
N PHE A 183 0.67 -4.36 28.44
CA PHE A 183 0.87 -5.80 28.19
C PHE A 183 2.28 -6.19 28.58
N LYS A 184 2.47 -7.45 29.01
CA LYS A 184 3.74 -8.02 29.46
C LYS A 184 4.60 -8.38 28.26
N LEU A 185 5.93 -8.39 28.43
CA LEU A 185 6.85 -8.74 27.32
C LEU A 185 7.76 -9.92 27.68
N THR A 186 7.30 -10.77 28.63
CA THR A 186 7.99 -11.98 29.12
C THR A 186 7.50 -13.24 28.38
N THR A 187 6.33 -13.14 27.68
CA THR A 187 5.75 -14.17 26.80
C THR A 187 5.38 -13.41 25.51
N GLY A 188 4.75 -14.08 24.54
CA GLY A 188 4.28 -13.44 23.32
C GLY A 188 5.29 -13.37 22.20
N ASN A 189 4.90 -12.67 21.12
CA ASN A 189 5.75 -12.41 19.98
C ASN A 189 7.08 -11.82 20.41
N ALA A 190 8.16 -12.21 19.70
CA ALA A 190 9.52 -11.76 19.94
C ALA A 190 9.73 -10.30 19.61
N TYR A 191 10.39 -9.56 20.53
CA TYR A 191 10.84 -8.18 20.36
C TYR A 191 12.34 -8.26 20.35
N ARG A 192 12.96 -7.71 19.30
CA ARG A 192 14.41 -7.79 19.17
C ARG A 192 15.01 -6.43 18.96
N LYS A 193 16.23 -6.21 19.50
CA LYS A 193 17.00 -4.98 19.30
C LYS A 193 17.40 -4.97 17.82
N LEU A 194 17.86 -3.81 17.31
CA LEU A 194 18.29 -3.61 15.94
C LEU A 194 19.41 -4.56 15.50
N SER A 195 20.28 -4.93 16.43
CA SER A 195 21.43 -5.80 16.22
C SER A 195 21.09 -7.30 16.41
N GLU A 196 19.93 -7.62 17.06
CA GLU A 196 19.45 -9.00 17.30
C GLU A 196 18.58 -9.46 16.09
N SER A 197 18.19 -10.75 16.02
CA SER A 197 17.38 -11.32 14.93
C SER A 197 16.05 -11.88 15.41
N TRP A 198 15.00 -11.74 14.58
CA TRP A 198 13.69 -12.28 14.87
C TRP A 198 13.70 -13.80 14.62
N PRO A 199 12.81 -14.60 15.25
CA PRO A 199 12.79 -16.05 14.97
C PRO A 199 11.84 -16.41 13.80
N ILE A 200 11.91 -17.66 13.31
CA ILE A 200 11.04 -18.17 12.24
C ILE A 200 9.77 -18.78 12.87
N TYR A 201 9.73 -18.81 14.20
CA TYR A 201 8.63 -19.37 14.96
C TYR A 201 7.71 -18.31 15.50
N GLU A 202 6.39 -18.55 15.38
CA GLU A 202 5.39 -17.63 15.90
C GLU A 202 4.58 -18.40 16.95
N PRO A 203 4.40 -17.87 18.18
CA PRO A 203 3.60 -18.58 19.18
C PRO A 203 2.17 -18.72 18.68
N ILE A 204 1.52 -19.84 19.00
CA ILE A 204 0.12 -20.03 18.61
C ILE A 204 -0.74 -19.20 19.57
N ASP A 205 -0.42 -19.27 20.89
CA ASP A 205 -1.06 -18.50 21.96
C ASP A 205 0.04 -17.62 22.59
N GLY A 206 0.11 -16.34 22.21
CA GLY A 206 1.09 -15.38 22.69
C GLY A 206 0.95 -15.01 24.17
N THR A 207 -0.19 -15.36 24.76
CA THR A 207 -0.51 -15.17 26.17
C THR A 207 0.25 -16.25 27.00
N LYS A 208 0.64 -17.37 26.38
CA LYS A 208 1.36 -18.47 27.05
C LYS A 208 2.72 -18.77 26.45
N GLN A 209 2.78 -18.94 25.11
CA GLN A 209 4.00 -19.25 24.37
C GLN A 209 4.79 -18.00 23.98
N GLY A 210 5.99 -18.19 23.43
CA GLY A 210 6.88 -17.10 23.06
C GLY A 210 7.61 -16.52 24.25
N LYS A 211 8.63 -15.67 23.99
CA LYS A 211 9.40 -15.08 25.10
C LYS A 211 9.45 -13.54 25.06
N GLY A 212 8.65 -12.95 24.18
CA GLY A 212 8.59 -11.50 24.06
C GLY A 212 9.98 -10.94 23.81
N LYS A 213 10.41 -10.00 24.68
CA LYS A 213 11.72 -9.32 24.59
C LYS A 213 12.88 -10.10 25.24
N ASP A 214 12.55 -11.20 25.96
CA ASP A 214 13.51 -12.05 26.64
C ASP A 214 14.22 -12.94 25.65
N SER A 215 15.14 -12.34 24.87
CA SER A 215 15.91 -13.08 23.86
C SER A 215 16.85 -14.13 24.49
N SER A 216 17.25 -13.95 25.79
CA SER A 216 18.10 -14.86 26.56
C SER A 216 17.36 -16.15 26.83
N GLY A 217 16.11 -16.03 27.30
CA GLY A 217 15.22 -17.16 27.56
C GLY A 217 14.85 -17.89 26.29
N TRP A 218 14.69 -17.13 25.18
CA TRP A 218 14.39 -17.72 23.87
C TRP A 218 15.56 -18.62 23.44
N SER A 219 16.77 -18.05 23.35
CA SER A 219 17.96 -18.81 22.95
C SER A 219 18.37 -19.94 23.93
N SER A 220 18.09 -19.77 25.24
CA SER A 220 18.50 -20.74 26.27
C SER A 220 17.52 -21.94 26.45
N THR A 221 16.18 -21.69 26.55
CA THR A 221 15.23 -22.80 26.76
C THR A 221 14.03 -22.89 25.80
N GLU A 222 13.49 -21.75 25.29
CA GLU A 222 12.25 -21.78 24.49
C GLU A 222 12.43 -22.08 23.00
N GLU A 223 13.59 -21.77 22.42
CA GLU A 223 13.83 -22.02 20.98
C GLU A 223 13.85 -23.50 20.69
N ASN A 224 14.49 -24.31 21.59
CA ASN A 224 14.57 -25.77 21.50
C ASN A 224 13.15 -26.37 21.47
N GLU A 225 12.28 -25.87 22.37
CA GLU A 225 10.87 -26.21 22.52
C GLU A 225 10.09 -25.89 21.24
N ALA A 226 10.33 -24.71 20.61
CA ALA A 226 9.66 -24.28 19.37
C ALA A 226 10.12 -25.11 18.17
N LYS A 227 11.46 -25.38 18.07
CA LYS A 227 12.07 -26.17 16.99
C LYS A 227 11.58 -27.64 17.00
N ASN A 228 11.36 -28.23 18.18
CA ASN A 228 10.93 -29.64 18.23
C ASN A 228 9.43 -29.77 17.97
N ASP A 229 8.65 -28.76 18.32
CA ASP A 229 7.20 -28.73 18.10
C ASP A 229 6.86 -28.34 16.67
N ALA A 230 7.65 -27.38 16.10
CA ALA A 230 7.41 -26.82 14.76
C ALA A 230 8.63 -26.95 13.79
N PRO A 231 9.16 -28.18 13.56
CA PRO A 231 10.34 -28.32 12.68
C PRO A 231 10.12 -27.96 11.21
N SER A 232 11.16 -27.40 10.57
CA SER A 232 11.12 -27.03 9.15
C SER A 232 11.11 -28.31 8.30
N VAL A 233 10.40 -28.25 7.16
CA VAL A 233 10.28 -29.36 6.22
C VAL A 233 11.64 -29.70 5.56
N SER A 234 11.83 -30.99 5.14
CA SER A 234 13.02 -31.51 4.47
C SER A 234 12.65 -32.42 3.30
N SER A 239 11.26 -32.13 8.79
CA SER A 239 10.40 -33.24 9.17
C SER A 239 8.90 -32.85 9.34
N SER A 240 8.08 -33.82 9.85
CA SER A 240 6.64 -33.74 10.13
C SER A 240 6.43 -33.54 11.64
N GLY A 241 6.18 -32.29 12.03
CA GLY A 241 6.00 -31.88 13.42
C GLY A 241 4.59 -31.84 13.94
N THR A 242 4.47 -31.47 15.21
CA THR A 242 3.20 -31.39 15.93
C THR A 242 2.43 -30.10 15.67
N PHE A 243 3.10 -28.93 15.83
CA PHE A 243 2.55 -27.59 15.66
C PHE A 243 1.44 -27.31 16.70
N ASN A 244 1.69 -27.72 17.96
CA ASN A 244 0.76 -27.53 19.08
C ASN A 244 0.90 -26.20 19.72
N LYS A 245 2.15 -25.70 19.80
CA LYS A 245 2.47 -24.46 20.48
C LYS A 245 2.99 -23.37 19.59
N TYR A 246 3.62 -23.72 18.44
CA TYR A 246 4.20 -22.74 17.51
C TYR A 246 3.96 -23.06 16.05
N LEU A 247 3.98 -21.98 15.21
CA LEU A 247 3.90 -22.09 13.77
C LEU A 247 5.29 -21.81 13.25
N ASN A 248 5.71 -22.48 12.16
CA ASN A 248 7.00 -22.22 11.53
C ASN A 248 6.64 -21.47 10.25
N THR A 249 6.95 -20.17 10.23
CA THR A 249 6.59 -19.31 9.11
C THR A 249 7.77 -18.87 8.27
N LYS A 250 8.90 -19.61 8.28
CA LYS A 250 10.12 -19.28 7.50
C LYS A 250 9.83 -18.89 6.06
N GLN A 251 9.06 -19.72 5.32
CA GLN A 251 8.70 -19.48 3.91
C GLN A 251 7.78 -18.27 3.75
N ALA A 252 6.89 -18.01 4.73
CA ALA A 252 5.99 -16.86 4.69
C ALA A 252 6.80 -15.59 4.97
N LEU A 253 7.92 -15.72 5.72
CA LEU A 253 8.83 -14.60 6.02
C LEU A 253 9.67 -14.28 4.79
N GLU A 254 10.19 -15.32 4.10
CA GLU A 254 10.98 -15.17 2.87
C GLU A 254 10.16 -14.46 1.81
N SER A 255 8.85 -14.76 1.76
CA SER A 255 7.90 -14.20 0.80
C SER A 255 7.60 -12.75 1.02
N ILE A 256 7.76 -12.23 2.25
CA ILE A 256 7.49 -10.81 2.51
C ILE A 256 8.77 -9.98 2.54
N GLY A 257 9.87 -10.59 2.11
CA GLY A 257 11.17 -9.94 1.98
C GLY A 257 12.13 -10.09 3.14
N ILE A 258 11.94 -11.10 4.01
CA ILE A 258 12.87 -11.31 5.11
C ILE A 258 14.10 -11.99 4.52
N LEU A 259 15.29 -11.47 4.81
CA LEU A 259 16.55 -11.99 4.30
C LEU A 259 17.13 -12.99 5.24
N PHE A 260 17.77 -14.03 4.70
CA PHE A 260 18.31 -15.13 5.54
C PHE A 260 19.75 -15.53 5.26
N ASP A 261 20.38 -16.09 6.29
CA ASP A 261 21.69 -16.72 6.30
C ASP A 261 21.33 -18.17 6.63
N ASP A 262 21.16 -18.95 5.55
CA ASP A 262 20.67 -20.33 5.55
C ASP A 262 19.23 -20.36 6.11
N GLN A 263 19.07 -20.58 7.42
CA GLN A 263 17.78 -20.73 8.12
C GLN A 263 17.53 -19.60 9.13
N THR A 264 18.54 -18.73 9.31
CA THR A 264 18.51 -17.66 10.28
C THR A 264 18.24 -16.27 9.65
N PRO A 265 17.12 -15.60 10.02
CA PRO A 265 16.89 -14.25 9.48
C PRO A 265 17.99 -13.31 9.94
N ARG A 266 18.42 -12.42 9.02
CA ARG A 266 19.44 -11.40 9.31
C ARG A 266 18.87 -10.48 10.38
N ASN A 267 19.71 -9.63 11.00
CA ASN A 267 19.26 -8.74 12.08
C ASN A 267 18.10 -7.79 11.66
N VAL A 268 17.44 -7.20 12.67
CA VAL A 268 16.31 -6.27 12.49
C VAL A 268 16.66 -5.09 11.57
N ILE A 269 17.83 -4.43 11.80
CA ILE A 269 18.26 -3.25 11.02
C ILE A 269 18.41 -3.59 9.52
N THR A 270 18.86 -4.83 9.16
CA THR A 270 18.95 -5.25 7.75
C THR A 270 17.52 -5.39 7.17
N GLN A 271 16.61 -6.07 7.89
CA GLN A 271 15.23 -6.25 7.45
C GLN A 271 14.57 -4.93 7.25
N LEU A 272 14.79 -3.98 8.18
CA LEU A 272 14.24 -2.62 8.06
C LEU A 272 14.78 -1.90 6.82
N TYR A 273 16.13 -1.97 6.59
CA TYR A 273 16.76 -1.36 5.43
C TYR A 273 16.17 -1.89 4.13
N TYR A 274 16.20 -3.21 3.93
CA TYR A 274 15.72 -3.88 2.70
C TYR A 274 14.26 -3.66 2.44
N ALA A 275 13.43 -3.60 3.49
CA ALA A 275 11.98 -3.35 3.41
C ALA A 275 11.70 -1.89 3.06
N SER A 276 12.56 -0.99 3.54
CA SER A 276 12.41 0.45 3.38
C SER A 276 12.67 0.95 1.97
N THR A 277 13.40 0.16 1.15
CA THR A 277 13.67 0.50 -0.24
C THR A 277 12.75 -0.36 -1.10
N SER A 278 11.45 -0.05 -1.10
CA SER A 278 10.45 -0.89 -1.79
C SER A 278 9.58 -0.15 -2.81
N LYS A 279 9.38 1.16 -2.64
CA LYS A 279 8.51 1.90 -3.56
C LYS A 279 9.10 3.22 -3.96
N LEU A 280 8.90 3.67 -5.23
CA LEU A 280 9.39 4.97 -5.68
C LEU A 280 8.33 5.78 -6.38
N ALA A 281 8.50 7.11 -6.29
CA ALA A 281 7.69 8.11 -6.95
C ALA A 281 8.64 9.17 -7.44
N VAL A 282 8.38 9.69 -8.63
CA VAL A 282 9.27 10.65 -9.26
C VAL A 282 8.50 11.93 -9.61
N THR A 283 9.14 13.09 -9.36
CA THR A 283 8.68 14.47 -9.69
C THR A 283 9.78 15.11 -10.54
N ASN A 284 9.60 16.39 -10.98
CA ASN A 284 10.64 17.11 -11.76
C ASN A 284 11.92 17.30 -11.02
N ASN A 285 11.85 17.44 -9.67
CA ASN A 285 13.06 17.64 -8.87
C ASN A 285 13.47 16.49 -8.00
N HIS A 286 12.54 15.56 -7.68
CA HIS A 286 12.91 14.50 -6.75
C HIS A 286 12.52 13.11 -7.14
N ILE A 287 13.18 12.17 -6.45
CA ILE A 287 12.95 10.74 -6.41
C ILE A 287 12.74 10.45 -4.94
N VAL A 288 11.57 9.94 -4.57
CA VAL A 288 11.19 9.60 -3.19
C VAL A 288 11.04 8.07 -3.06
N VAL A 289 11.74 7.46 -2.09
CA VAL A 289 11.71 6.01 -1.82
C VAL A 289 11.16 5.72 -0.42
N MET A 290 10.15 4.87 -0.35
CA MET A 290 9.48 4.43 0.88
C MET A 290 9.41 2.92 1.01
N GLY A 291 9.14 2.47 2.23
CA GLY A 291 9.01 1.06 2.58
C GLY A 291 7.78 0.37 2.06
N ASN A 292 7.66 -0.93 2.37
CA ASN A 292 6.51 -1.76 1.98
C ASN A 292 5.44 -1.80 3.08
N SER A 293 4.25 -2.29 2.73
CA SER A 293 3.12 -2.41 3.66
C SER A 293 3.18 -3.64 4.60
N PHE A 294 4.31 -4.41 4.56
CA PHE A 294 4.55 -5.61 5.39
C PHE A 294 5.31 -5.34 6.68
N LEU A 295 6.33 -4.50 6.59
CA LEU A 295 7.17 -4.19 7.73
C LEU A 295 7.11 -2.69 8.00
N PRO A 296 7.20 -2.27 9.30
CA PRO A 296 7.25 -0.84 9.59
C PRO A 296 8.56 -0.29 9.04
N SER A 297 8.50 0.94 8.54
CA SER A 297 9.67 1.66 8.07
C SER A 297 9.83 2.85 8.98
N MET A 298 11.06 3.14 9.35
CA MET A 298 11.39 4.26 10.22
C MET A 298 11.94 5.49 9.48
N TRP A 299 12.26 5.34 8.18
CA TRP A 299 12.81 6.40 7.35
C TRP A 299 12.35 6.27 5.90
N TYR A 300 12.66 7.29 5.08
CA TYR A 300 12.36 7.37 3.66
C TYR A 300 13.43 8.24 3.02
N TRP A 301 13.59 8.16 1.70
CA TRP A 301 14.56 9.00 0.99
C TRP A 301 13.88 9.99 0.09
N VAL A 302 14.41 11.18 0.08
CA VAL A 302 14.08 12.29 -0.82
C VAL A 302 15.43 12.49 -1.51
N VAL A 303 15.53 12.05 -2.77
CA VAL A 303 16.72 12.18 -3.60
C VAL A 303 16.52 13.33 -4.56
N GLU A 304 17.45 14.28 -4.54
CA GLU A 304 17.47 15.40 -5.45
C GLU A 304 17.97 14.84 -6.77
N ARG A 305 17.17 14.97 -7.84
CA ARG A 305 17.54 14.44 -9.15
C ARG A 305 18.81 15.10 -9.76
N SER A 306 19.24 16.25 -9.19
CA SER A 306 20.45 16.96 -9.56
C SER A 306 21.71 16.41 -8.80
N ALA A 307 21.54 15.35 -7.95
CA ALA A 307 22.64 14.72 -7.17
C ALA A 307 23.77 14.22 -8.04
N GLN A 308 25.00 14.62 -7.69
CA GLN A 308 26.24 14.28 -8.39
C GLN A 308 26.46 12.76 -8.36
N GLU A 309 26.97 12.18 -9.47
CA GLU A 309 27.22 10.75 -9.58
C GLU A 309 28.15 10.28 -8.45
N ASN A 310 27.78 9.14 -7.80
CA ASN A 310 28.48 8.51 -6.66
C ASN A 310 28.22 9.23 -5.29
N ALA A 311 27.11 9.99 -5.18
CA ALA A 311 26.74 10.67 -3.92
C ALA A 311 25.89 9.72 -3.06
N SER A 312 26.13 9.71 -1.75
CA SER A 312 25.37 8.87 -0.81
C SER A 312 24.13 9.66 -0.41
N ASN A 313 22.95 9.23 -0.89
CA ASN A 313 21.70 9.92 -0.61
C ASN A 313 21.15 9.40 0.70
N LYS A 314 21.04 10.32 1.66
CA LYS A 314 20.64 10.09 3.02
C LYS A 314 19.13 10.09 3.24
N PRO A 315 18.64 9.13 4.06
CA PRO A 315 17.19 9.09 4.35
C PRO A 315 16.79 10.01 5.50
N THR A 316 15.51 10.38 5.54
CA THR A 316 14.91 11.24 6.55
C THR A 316 14.10 10.35 7.51
N TRP A 317 14.30 10.52 8.83
CA TRP A 317 13.57 9.71 9.82
C TRP A 317 12.13 10.22 10.02
N PHE A 318 11.18 9.29 10.15
CA PHE A 318 9.78 9.59 10.43
C PHE A 318 9.61 10.26 11.80
N ALA A 319 10.51 9.94 12.75
CA ALA A 319 10.55 10.50 14.10
C ALA A 319 10.81 12.02 14.09
N ASN A 320 11.48 12.53 13.02
CA ASN A 320 11.79 13.95 12.76
C ASN A 320 10.78 14.58 11.77
N THR A 321 9.91 13.76 11.16
CA THR A 321 8.88 14.27 10.25
C THR A 321 7.57 14.45 11.02
N ASN A 322 7.23 15.71 11.39
CA ASN A 322 5.99 15.96 12.13
C ASN A 322 4.84 16.02 11.16
N LEU A 323 3.79 15.19 11.35
CA LEU A 323 2.63 15.27 10.46
C LEU A 323 1.52 16.07 11.11
N ASP A 324 0.58 16.54 10.28
CA ASP A 324 -0.67 17.13 10.75
C ASP A 324 -1.61 15.89 10.87
N TRP A 325 -1.98 15.51 12.10
CA TRP A 325 -2.85 14.37 12.40
C TRP A 325 -4.33 14.76 12.37
N GLY A 326 -4.61 15.99 11.94
CA GLY A 326 -5.96 16.52 11.83
C GLY A 326 -6.19 17.69 12.76
N GLU A 327 -6.02 17.46 14.06
CA GLU A 327 -6.13 18.40 15.18
C GLU A 327 -4.90 18.15 16.08
N ASP A 328 -4.46 19.13 16.88
CA ASP A 328 -3.27 18.95 17.72
C ASP A 328 -3.45 17.87 18.77
N LYS A 329 -4.71 17.65 19.23
CA LYS A 329 -4.98 16.62 20.21
C LYS A 329 -4.71 15.25 19.67
N GLN A 330 -4.99 15.03 18.39
CA GLN A 330 -4.75 13.74 17.73
C GLN A 330 -3.27 13.42 17.72
N LYS A 331 -2.41 14.44 17.54
CA LYS A 331 -0.95 14.29 17.56
C LYS A 331 -0.50 14.08 19.00
N GLN A 332 -1.15 14.78 19.97
CA GLN A 332 -0.84 14.66 21.40
C GLN A 332 -1.06 13.26 21.89
N PHE A 333 -2.18 12.63 21.47
CA PHE A 333 -2.54 11.25 21.82
C PHE A 333 -1.44 10.27 21.50
N VAL A 334 -0.95 10.31 20.25
CA VAL A 334 0.10 9.43 19.74
C VAL A 334 1.38 9.65 20.53
N GLU A 335 1.80 10.94 20.64
CA GLU A 335 3.05 11.31 21.29
C GLU A 335 3.11 10.95 22.78
N ASN A 336 2.00 11.18 23.53
CA ASN A 336 1.93 10.83 24.95
C ASN A 336 2.08 9.33 25.15
N GLN A 337 1.51 8.50 24.24
CA GLN A 337 1.62 7.05 24.40
C GLN A 337 2.97 6.49 23.88
N LEU A 338 3.83 7.32 23.28
CA LEU A 338 5.15 6.91 22.76
C LEU A 338 6.12 6.50 23.86
N GLY A 339 5.95 7.11 25.04
CA GLY A 339 6.78 6.93 26.21
C GLY A 339 6.59 7.98 27.29
N TYR A 340 7.39 7.87 28.36
CA TYR A 340 7.39 8.78 29.51
C TYR A 340 8.33 9.95 29.26
N LYS A 341 7.83 11.19 29.41
CA LYS A 341 8.63 12.40 29.27
C LYS A 341 8.84 12.99 30.67
N GLU A 342 10.08 12.99 31.16
CA GLU A 342 10.39 13.55 32.47
C GLU A 342 11.79 14.18 32.51
N THR A 343 11.91 15.37 33.16
CA THR A 343 13.16 16.14 33.36
C THR A 343 14.21 15.26 34.07
N THR A 344 13.74 14.37 34.98
CA THR A 344 14.53 13.39 35.72
C THR A 344 14.29 12.02 35.04
N SER A 345 15.27 11.56 34.21
CA SER A 345 15.18 10.28 33.46
C SER A 345 16.41 9.36 33.68
N THR A 346 17.64 9.92 33.49
CA THR A 346 19.00 9.36 33.57
C THR A 346 19.28 8.49 32.29
N ASN A 347 18.78 7.24 32.23
CA ASN A 347 18.95 6.29 31.11
C ASN A 347 17.60 5.85 30.53
N SER A 348 16.54 6.61 30.89
CA SER A 348 15.16 6.41 30.49
C SER A 348 14.88 7.22 29.22
N HIS A 349 15.45 6.76 28.09
CA HIS A 349 15.30 7.41 26.79
C HIS A 349 14.36 6.70 25.85
N ASN A 350 13.31 7.41 25.44
CA ASN A 350 12.30 6.97 24.49
C ASN A 350 12.00 8.11 23.50
N PHE A 351 11.19 7.85 22.44
CA PHE A 351 10.87 8.86 21.44
C PHE A 351 10.18 10.11 22.02
N HIS A 352 9.31 9.95 23.04
CA HIS A 352 8.65 11.09 23.67
C HIS A 352 9.64 11.84 24.55
N SER A 353 10.48 11.07 25.29
CA SER A 353 11.50 11.62 26.17
C SER A 353 12.51 12.50 25.39
N LYS A 354 12.92 12.06 24.18
CA LYS A 354 13.90 12.82 23.38
C LYS A 354 13.25 13.80 22.34
N SER A 355 11.96 14.18 22.54
CA SER A 355 11.15 15.15 21.78
C SER A 355 10.96 14.81 20.29
N PHE A 356 11.00 13.52 19.99
CA PHE A 356 10.75 13.04 18.64
C PHE A 356 9.25 12.80 18.53
N THR A 357 8.75 12.61 17.28
CA THR A 357 7.36 12.30 16.97
C THR A 357 7.22 10.79 16.60
N GLN A 358 6.04 10.38 16.03
CA GLN A 358 5.76 9.01 15.62
C GLN A 358 6.92 8.44 14.80
N PRO A 359 7.59 7.36 15.26
CA PRO A 359 8.78 6.86 14.56
C PRO A 359 8.61 5.89 13.38
N ALA A 360 7.44 5.28 13.19
CA ALA A 360 7.30 4.29 12.12
C ALA A 360 5.92 4.20 11.54
N TYR A 361 5.85 3.79 10.26
CA TYR A 361 4.60 3.58 9.54
C TYR A 361 4.70 2.32 8.69
N LEU A 362 3.55 1.70 8.38
CA LEU A 362 3.44 0.59 7.45
C LEU A 362 2.85 1.28 6.20
N ILE A 363 3.73 1.73 5.31
CA ILE A 363 3.35 2.53 4.14
C ILE A 363 2.56 1.70 3.07
N SER A 364 1.40 2.20 2.60
CA SER A 364 0.55 1.58 1.56
C SER A 364 1.19 1.70 0.19
N GLY A 365 1.93 2.77 0.00
CA GLY A 365 2.61 3.09 -1.24
C GLY A 365 2.79 4.59 -1.40
N ILE A 366 3.30 4.98 -2.56
CA ILE A 366 3.56 6.37 -2.94
C ILE A 366 3.31 6.59 -4.40
N ASP A 367 2.89 7.81 -4.72
CA ASP A 367 2.72 8.24 -6.10
C ASP A 367 2.92 9.77 -6.22
N SER A 368 2.89 10.32 -7.44
CA SER A 368 2.96 11.75 -7.67
C SER A 368 2.04 12.20 -8.77
N VAL A 369 1.24 13.25 -8.47
CA VAL A 369 0.34 13.96 -9.36
C VAL A 369 0.95 15.35 -9.36
N ASN A 370 1.11 15.99 -10.57
CA ASN A 370 1.72 17.31 -10.69
CA ASN A 370 1.75 17.29 -10.72
C ASN A 370 3.15 17.10 -10.11
N ASP A 371 3.68 18.05 -9.36
CA ASP A 371 4.99 17.81 -8.76
C ASP A 371 4.85 17.45 -7.29
N GLN A 372 3.65 16.99 -6.88
CA GLN A 372 3.33 16.61 -5.50
C GLN A 372 3.45 15.14 -5.26
N ILE A 373 3.95 14.74 -4.07
CA ILE A 373 4.04 13.33 -3.65
C ILE A 373 2.84 12.99 -2.77
N ILE A 374 2.22 11.84 -3.02
CA ILE A 374 1.09 11.33 -2.25
C ILE A 374 1.53 10.06 -1.55
N PHE A 375 1.18 9.93 -0.26
CA PHE A 375 1.46 8.74 0.56
C PHE A 375 0.28 8.46 1.44
N SER A 376 0.20 7.23 1.92
CA SER A 376 -0.76 6.76 2.88
C SER A 376 -0.11 5.59 3.58
N GLY A 377 -0.69 5.19 4.69
CA GLY A 377 -0.21 4.05 5.47
C GLY A 377 -0.82 4.01 6.83
N PHE A 378 -0.55 2.95 7.57
CA PHE A 378 -1.05 2.88 8.92
C PHE A 378 0.08 3.27 9.82
N LYS A 379 -0.26 3.94 10.93
CA LYS A 379 0.67 4.30 11.99
C LYS A 379 1.04 2.94 12.64
N ALA A 380 2.35 2.61 12.74
CA ALA A 380 2.77 1.35 13.39
C ALA A 380 2.68 1.63 14.88
N GLY A 381 2.17 0.68 15.67
CA GLY A 381 2.03 0.89 17.11
C GLY A 381 3.36 1.14 17.78
N SER A 382 3.47 2.20 18.60
CA SER A 382 4.73 2.50 19.28
C SER A 382 4.45 3.09 20.63
N VAL A 383 4.93 2.40 21.65
CA VAL A 383 4.73 2.71 23.06
C VAL A 383 6.03 2.59 23.85
N GLY A 384 5.96 3.00 25.12
CA GLY A 384 7.09 2.88 26.04
C GLY A 384 7.07 1.51 26.70
N TYR A 385 8.23 1.06 27.18
CA TYR A 385 8.32 -0.18 27.93
C TYR A 385 9.34 -0.02 29.05
N ASP A 386 9.17 -0.75 30.18
CA ASP A 386 10.07 -0.69 31.35
C ASP A 386 11.15 -1.77 31.21
N SER A 387 12.41 -1.33 31.01
CA SER A 387 13.56 -2.22 30.82
C SER A 387 14.48 -2.29 32.04
N SER A 388 14.07 -1.66 33.17
CA SER A 388 14.83 -1.67 34.43
C SER A 388 14.99 -3.10 34.97
N SER A 389 16.10 -3.36 35.70
CA SER A 389 16.36 -4.67 36.30
C SER A 389 16.82 -4.57 37.75
N SER A 390 16.51 -5.62 38.55
CA SER A 390 16.89 -5.74 39.96
C SER A 390 16.82 -7.20 40.41
N SER A 396 12.65 -4.44 41.70
CA SER A 396 11.72 -3.72 42.57
C SER A 396 10.85 -2.71 41.77
N SER A 397 10.65 -2.95 40.45
CA SER A 397 9.84 -2.07 39.61
C SER A 397 8.51 -2.72 39.27
N SER A 398 7.40 -2.03 39.62
CA SER A 398 6.00 -2.47 39.43
C SER A 398 5.70 -2.94 38.00
N THR A 399 6.17 -2.16 37.01
CA THR A 399 5.97 -2.42 35.58
C THR A 399 7.18 -3.08 34.91
N LYS A 400 8.11 -3.68 35.66
CA LYS A 400 9.27 -4.35 35.07
C LYS A 400 8.86 -5.31 33.94
N ASP A 401 9.53 -5.17 32.77
CA ASP A 401 9.30 -5.95 31.54
C ASP A 401 7.87 -5.81 30.98
N GLN A 402 7.24 -4.65 31.18
CA GLN A 402 5.88 -4.38 30.73
C GLN A 402 5.80 -3.19 29.80
N ALA A 403 5.12 -3.38 28.64
CA ALA A 403 4.89 -2.30 27.70
C ALA A 403 3.76 -1.46 28.27
N LEU A 404 3.83 -0.16 28.08
CA LEU A 404 2.87 0.80 28.60
C LEU A 404 1.96 1.33 27.50
N ALA A 405 0.79 0.66 27.34
CA ALA A 405 -0.22 0.97 26.34
C ALA A 405 -1.59 0.94 26.98
N TRP A 406 -2.56 1.71 26.44
CA TRP A 406 -3.92 1.79 26.98
C TRP A 406 -4.87 2.29 25.90
N SER A 407 -6.18 2.01 26.06
CA SER A 407 -7.22 2.42 25.13
C SER A 407 -7.44 3.94 25.16
N THR A 408 -7.47 4.54 23.97
CA THR A 408 -7.70 5.97 23.82
C THR A 408 -9.04 6.23 23.14
N THR A 409 -10.00 5.30 23.30
CA THR A 409 -11.32 5.45 22.70
C THR A 409 -12.14 6.48 23.47
N THR A 410 -12.83 7.33 22.69
CA THR A 410 -13.70 8.41 23.12
C THR A 410 -14.77 7.94 24.13
N SER A 411 -15.04 8.74 25.19
CA SER A 411 -16.06 8.45 26.21
C SER A 411 -17.46 8.57 25.59
N LEU A 412 -18.46 7.88 26.17
CA LEU A 412 -19.85 7.83 25.68
C LEU A 412 -20.57 9.19 25.70
N ASP A 413 -20.26 10.06 26.69
CA ASP A 413 -20.86 11.39 26.86
C ASP A 413 -20.39 12.44 25.84
N SER A 414 -19.36 12.10 25.03
CA SER A 414 -18.79 12.98 24.00
C SER A 414 -19.83 13.44 23.00
N LYS A 415 -19.63 14.67 22.47
CA LYS A 415 -20.50 15.30 21.50
C LYS A 415 -20.34 14.66 20.14
N THR A 416 -21.49 14.42 19.46
CA THR A 416 -21.59 13.84 18.13
C THR A 416 -21.20 14.91 17.13
N GLY A 417 -20.02 14.73 16.54
CA GLY A 417 -19.39 15.67 15.61
C GLY A 417 -17.94 15.26 15.55
N TYR A 418 -17.39 15.13 14.33
CA TYR A 418 -16.04 14.63 14.16
C TYR A 418 -15.00 15.31 15.03
N LYS A 419 -14.90 16.66 14.97
CA LYS A 419 -13.93 17.41 15.77
C LYS A 419 -14.07 17.08 17.25
N ASP A 420 -15.31 17.13 17.78
CA ASP A 420 -15.63 16.85 19.19
C ASP A 420 -15.19 15.43 19.59
N LEU A 421 -15.59 14.42 18.79
CA LEU A 421 -15.27 13.01 19.01
C LEU A 421 -13.76 12.73 19.07
N VAL A 422 -12.97 13.31 18.13
CA VAL A 422 -11.53 13.03 18.06
C VAL A 422 -10.68 13.88 19.02
N THR A 423 -11.21 15.03 19.52
CA THR A 423 -10.47 15.89 20.45
C THR A 423 -10.87 15.61 21.91
N ASN A 424 -11.77 14.62 22.11
CA ASN A 424 -12.21 14.20 23.43
C ASN A 424 -10.98 13.70 24.21
N ASP A 425 -10.78 14.27 25.41
CA ASP A 425 -9.64 14.01 26.30
C ASP A 425 -9.51 12.59 26.91
N THR A 426 -10.48 11.67 26.66
CA THR A 426 -10.45 10.30 27.19
C THR A 426 -9.19 9.53 26.77
N GLY A 427 -8.38 9.18 27.77
CA GLY A 427 -7.15 8.41 27.63
C GLY A 427 -5.96 9.16 27.09
N LEU A 428 -5.99 10.52 27.19
CA LEU A 428 -4.95 11.42 26.71
C LEU A 428 -3.59 11.20 27.38
N ASN A 429 -3.54 11.07 28.72
CA ASN A 429 -2.26 10.94 29.42
C ASN A 429 -1.97 9.56 29.99
N GLY A 430 -3.03 8.78 30.24
CA GLY A 430 -2.90 7.45 30.79
C GLY A 430 -4.17 6.64 30.71
N PRO A 431 -4.17 5.41 31.29
CA PRO A 431 -5.36 4.54 31.22
C PRO A 431 -6.65 5.08 31.83
N ILE A 432 -7.80 4.63 31.28
CA ILE A 432 -9.15 5.01 31.69
C ILE A 432 -10.20 3.95 31.30
N ASN A 433 -10.08 3.31 30.11
CA ASN A 433 -11.07 2.32 29.68
C ASN A 433 -10.79 0.88 30.19
N GLY A 434 -11.85 0.07 30.27
CA GLY A 434 -11.77 -1.30 30.72
C GLY A 434 -13.10 -2.00 30.71
N SER A 435 -13.90 -1.78 31.78
CA SER A 435 -15.22 -2.38 31.98
C SER A 435 -16.07 -1.49 32.87
N PHE A 436 -17.27 -1.14 32.40
CA PHE A 436 -18.22 -0.24 33.07
C PHE A 436 -19.65 -0.74 32.91
N SER A 437 -20.39 -0.81 34.04
CA SER A 437 -21.78 -1.27 34.07
C SER A 437 -22.70 -0.20 34.69
N ILE A 438 -23.38 0.59 33.81
CA ILE A 438 -24.32 1.64 34.22
C ILE A 438 -25.75 1.04 34.34
N GLN A 439 -26.16 0.76 35.60
CA GLN A 439 -27.44 0.17 36.04
C GLN A 439 -27.62 -1.27 35.53
N ASP A 440 -27.79 -1.46 34.19
CA ASP A 440 -27.93 -2.78 33.56
C ASP A 440 -27.30 -2.83 32.16
N THR A 441 -26.81 -1.68 31.68
CA THR A 441 -26.13 -1.56 30.38
C THR A 441 -24.61 -1.51 30.59
N PHE A 442 -23.88 -2.35 29.84
CA PHE A 442 -22.42 -2.46 29.92
C PHE A 442 -21.70 -1.70 28.77
N SER A 443 -20.43 -1.32 29.02
CA SER A 443 -19.52 -0.68 28.07
C SER A 443 -18.06 -0.85 28.52
N PHE A 444 -17.13 -0.95 27.58
CA PHE A 444 -15.70 -1.07 27.87
C PHE A 444 -15.12 0.32 28.07
N VAL A 445 -15.81 1.32 27.50
CA VAL A 445 -15.45 2.72 27.47
C VAL A 445 -16.13 3.51 28.61
N VAL A 446 -15.39 4.46 29.27
CA VAL A 446 -15.91 5.36 30.33
C VAL A 446 -17.16 6.08 29.88
N PRO A 447 -18.19 6.21 30.72
CA PRO A 447 -19.38 6.97 30.30
C PRO A 447 -19.20 8.49 30.47
N TYR A 448 -18.19 8.95 31.23
CA TYR A 448 -18.00 10.37 31.54
C TYR A 448 -16.62 10.97 31.22
N SER A 449 -16.62 12.28 30.88
CA SER A 449 -15.45 13.11 30.59
C SER A 449 -15.80 14.59 30.81
N GLY A 459 -14.13 18.69 40.32
CA GLY A 459 -13.22 19.06 39.25
C GLY A 459 -13.29 18.18 38.01
N PRO A 460 -12.19 18.05 37.23
CA PRO A 460 -12.24 17.22 36.01
C PRO A 460 -11.77 15.77 36.20
N ILE A 461 -12.01 14.91 35.18
CA ILE A 461 -11.56 13.51 35.20
C ILE A 461 -10.13 13.52 34.63
N LYS A 462 -9.14 13.21 35.48
CA LYS A 462 -7.72 13.21 35.16
C LYS A 462 -7.19 11.85 34.68
N THR A 463 -6.25 11.88 33.73
CA THR A 463 -5.52 10.73 33.21
C THR A 463 -4.02 11.00 33.42
N ALA A 464 -3.26 9.99 33.87
CA ALA A 464 -1.83 10.10 34.16
C ALA A 464 -1.04 8.93 33.59
N TYR A 465 0.22 9.19 33.14
CA TYR A 465 1.12 8.17 32.60
C TYR A 465 1.40 7.09 33.64
N PRO A 466 1.34 5.79 33.24
CA PRO A 466 1.53 4.68 34.22
C PRO A 466 2.94 4.45 34.77
N VAL A 467 3.45 5.43 35.53
CA VAL A 467 4.74 5.44 36.27
C VAL A 467 4.43 6.18 37.57
N LYS A 468 4.67 5.55 38.75
CA LYS A 468 4.41 6.25 40.02
C LYS A 468 5.57 7.21 40.40
N LYS A 469 5.21 8.41 40.92
CA LYS A 469 6.09 9.52 41.36
C LYS A 469 7.34 9.15 42.18
N ASP A 470 7.24 8.09 43.03
CA ASP A 470 8.34 7.59 43.89
C ASP A 470 9.52 7.06 43.07
N GLN A 471 9.22 6.21 42.05
CA GLN A 471 10.20 5.61 41.15
C GLN A 471 10.34 6.43 39.84
N LYS A 472 10.26 7.77 39.93
CA LYS A 472 10.37 8.71 38.80
C LYS A 472 11.74 8.63 38.09
N SER A 473 12.85 8.72 38.84
CA SER A 473 14.21 8.67 38.32
C SER A 473 14.78 7.23 38.23
N THR A 474 14.34 6.33 39.15
CA THR A 474 14.78 4.93 39.23
C THR A 474 14.03 3.98 38.23
N VAL A 475 13.34 4.56 37.20
CA VAL A 475 12.62 3.79 36.16
C VAL A 475 13.29 3.99 34.79
N LYS A 476 13.29 2.93 33.96
CA LYS A 476 13.90 2.95 32.63
C LYS A 476 12.83 2.66 31.57
N ILE A 477 12.17 3.72 31.09
CA ILE A 477 11.12 3.64 30.06
C ILE A 477 11.73 3.87 28.68
N ASN A 478 11.95 2.77 27.94
CA ASN A 478 12.47 2.83 26.56
C ASN A 478 11.35 2.65 25.52
N SER A 479 11.70 2.60 24.22
CA SER A 479 10.74 2.56 23.13
C SER A 479 10.64 1.22 22.42
N LEU A 480 9.39 0.81 22.10
CA LEU A 480 9.13 -0.35 21.25
C LEU A 480 8.34 0.05 20.00
N ILE A 481 8.39 -0.79 18.96
CA ILE A 481 7.63 -0.64 17.70
C ILE A 481 6.98 -2.01 17.38
N ASN A 482 5.65 -1.99 17.24
CA ASN A 482 4.83 -3.15 16.93
C ASN A 482 4.82 -3.41 15.42
N ALA A 483 4.47 -4.64 15.03
CA ALA A 483 4.43 -5.14 13.66
C ALA A 483 3.12 -4.75 12.99
N THR A 484 2.17 -4.17 13.78
CA THR A 484 0.79 -3.90 13.31
C THR A 484 0.30 -2.50 13.67
N PRO A 485 -0.89 -2.02 13.17
CA PRO A 485 -1.42 -0.71 13.61
C PRO A 485 -1.97 -0.69 15.06
N LEU A 486 -1.70 -1.74 15.86
CA LEU A 486 -2.18 -1.81 17.24
C LEU A 486 -1.16 -1.32 18.25
N ASN A 487 -1.59 -0.46 19.20
CA ASN A 487 -0.70 -0.01 20.28
C ASN A 487 -0.73 -1.04 21.39
N SER A 488 -1.94 -1.35 21.91
CA SER A 488 -2.18 -2.29 22.99
C SER A 488 -2.62 -3.68 22.54
N TYR A 489 -1.85 -4.66 22.98
CA TYR A 489 -2.09 -6.07 22.70
C TYR A 489 -2.67 -6.82 23.89
N GLY A 490 -2.78 -6.13 25.03
CA GLY A 490 -3.30 -6.69 26.29
C GLY A 490 -4.56 -7.49 26.09
N ASP A 491 -4.52 -8.77 26.44
CA ASP A 491 -5.60 -9.74 26.30
C ASP A 491 -6.85 -9.45 27.15
N GLU A 492 -7.55 -8.36 26.82
CA GLU A 492 -8.81 -7.90 27.41
C GLU A 492 -9.80 -7.49 26.29
N GLY A 493 -11.05 -7.27 26.69
CA GLY A 493 -12.20 -6.96 25.84
C GLY A 493 -12.19 -5.66 25.08
N ILE A 494 -11.60 -4.59 25.65
CA ILE A 494 -11.52 -3.29 24.99
C ILE A 494 -10.68 -3.38 23.70
N GLY A 495 -9.61 -4.19 23.72
CA GLY A 495 -8.71 -4.40 22.59
C GLY A 495 -9.41 -4.91 21.35
N VAL A 496 -10.35 -5.86 21.52
CA VAL A 496 -11.12 -6.43 20.41
C VAL A 496 -12.09 -5.35 19.86
N PHE A 497 -12.72 -4.59 20.77
CA PHE A 497 -13.66 -3.54 20.40
C PHE A 497 -12.96 -2.38 19.71
N ASP A 498 -11.74 -2.01 20.17
CA ASP A 498 -10.89 -0.97 19.57
C ASP A 498 -10.35 -1.46 18.22
N ALA A 499 -9.97 -2.76 18.13
CA ALA A 499 -9.40 -3.33 16.91
C ALA A 499 -10.42 -3.46 15.78
N LEU A 500 -11.69 -3.79 16.13
CA LEU A 500 -12.76 -4.04 15.16
C LEU A 500 -13.81 -2.94 15.05
N GLY A 501 -13.71 -1.90 15.88
CA GLY A 501 -14.63 -0.75 15.86
C GLY A 501 -16.05 -1.07 16.28
N LEU A 502 -16.20 -1.64 17.48
CA LEU A 502 -17.49 -2.03 18.04
C LEU A 502 -17.91 -1.17 19.26
N ASN A 503 -17.18 -0.08 19.50
CA ASN A 503 -17.49 0.89 20.53
C ASN A 503 -18.38 1.96 19.86
N TYR A 504 -19.65 1.99 20.28
CA TYR A 504 -20.67 2.92 19.81
C TYR A 504 -21.27 3.61 21.04
N ASN A 505 -21.84 4.81 20.85
CA ASN A 505 -22.48 5.53 21.95
C ASN A 505 -23.94 5.10 22.08
N PHE A 506 -24.55 5.38 23.23
CA PHE A 506 -25.93 4.99 23.47
C PHE A 506 -26.94 6.13 23.16
N LYS A 507 -26.50 7.12 22.35
CA LYS A 507 -27.28 8.29 21.95
C LYS A 507 -28.24 8.00 20.80
N SER A 508 -29.16 8.96 20.54
CA SER A 508 -30.21 8.95 19.51
C SER A 508 -29.75 8.27 18.22
N ASN A 509 -28.70 8.84 17.60
CA ASN A 509 -28.08 8.26 16.42
C ASN A 509 -26.77 7.69 16.91
N GLN A 510 -26.69 6.36 17.00
CA GLN A 510 -25.55 5.61 17.50
C GLN A 510 -24.31 5.88 16.65
N GLU A 511 -23.32 6.56 17.25
CA GLU A 511 -22.06 6.97 16.61
C GLU A 511 -20.90 6.12 17.11
N ARG A 512 -20.07 5.62 16.18
CA ARG A 512 -18.87 4.83 16.48
C ARG A 512 -17.82 5.69 17.15
N LEU A 513 -17.47 5.33 18.41
CA LEU A 513 -16.47 6.02 19.22
C LEU A 513 -15.06 5.68 18.71
N PRO A 514 -14.25 6.68 18.29
CA PRO A 514 -12.94 6.35 17.73
C PRO A 514 -11.80 6.20 18.71
N SER A 515 -10.85 5.34 18.38
CA SER A 515 -9.59 5.24 19.11
C SER A 515 -8.73 6.31 18.44
N ARG A 516 -7.72 6.81 19.14
CA ARG A 516 -6.75 7.79 18.65
C ARG A 516 -5.33 7.18 18.61
N THR A 517 -5.18 5.86 18.96
CA THR A 517 -3.89 5.18 18.94
C THR A 517 -3.92 3.80 18.26
N ASP A 518 -5.10 3.18 18.11
CA ASP A 518 -5.20 1.86 17.47
C ASP A 518 -5.81 1.99 16.11
N GLN A 519 -5.21 1.33 15.10
CA GLN A 519 -5.66 1.31 13.69
C GLN A 519 -5.77 2.74 13.14
N ILE A 520 -4.72 3.55 13.38
CA ILE A 520 -4.73 4.93 12.88
C ILE A 520 -4.11 5.00 11.48
N PHE A 521 -4.98 5.25 10.46
CA PHE A 521 -4.59 5.39 9.05
C PHE A 521 -4.08 6.80 8.88
N VAL A 522 -3.11 6.96 8.01
CA VAL A 522 -2.44 8.22 7.77
C VAL A 522 -2.26 8.45 6.25
N TYR A 523 -2.39 9.72 5.79
CA TYR A 523 -2.28 10.12 4.38
C TYR A 523 -1.93 11.62 4.21
N GLY A 524 -1.50 11.97 3.01
CA GLY A 524 -1.15 13.34 2.68
C GLY A 524 -0.60 13.56 1.31
N ILE A 525 -0.47 14.86 0.96
CA ILE A 525 0.08 15.41 -0.28
C ILE A 525 1.24 16.32 0.16
N VAL A 526 2.45 15.99 -0.29
CA VAL A 526 3.71 16.64 0.10
C VAL A 526 4.28 17.47 -1.04
N SER A 527 4.47 18.78 -0.80
CA SER A 527 4.96 19.76 -1.76
C SER A 527 6.49 19.69 -2.00
N PRO A 528 6.99 20.18 -3.16
CA PRO A 528 8.46 20.18 -3.40
C PRO A 528 9.29 20.83 -2.28
N ASN A 529 8.77 21.90 -1.63
CA ASN A 529 9.50 22.57 -0.53
C ASN A 529 9.49 21.72 0.73
N GLU A 530 8.39 20.97 0.98
CA GLU A 530 8.28 20.06 2.11
C GLU A 530 9.26 18.89 1.90
N LEU A 531 9.47 18.50 0.62
CA LEU A 531 10.43 17.45 0.27
C LEU A 531 11.85 17.99 0.48
N ARG A 532 12.05 19.30 0.24
CA ARG A 532 13.33 19.96 0.43
C ARG A 532 13.70 20.07 1.93
N SER A 533 12.75 20.37 2.86
CA SER A 533 13.07 20.36 4.32
C SER A 533 13.45 18.93 4.70
N ALA A 534 12.75 17.91 4.16
CA ALA A 534 13.02 16.50 4.43
C ALA A 534 14.45 16.11 4.07
N LYS A 535 14.92 16.49 2.84
CA LYS A 535 16.31 16.26 2.40
C LYS A 535 17.29 17.00 3.34
N SER A 536 16.99 18.25 3.70
CA SER A 536 17.82 19.02 4.65
C SER A 536 17.89 18.29 6.01
N SER A 537 16.75 17.75 6.49
CA SER A 537 16.66 16.97 7.74
C SER A 537 17.48 15.68 7.70
N ALA A 538 17.55 15.03 6.52
CA ALA A 538 18.35 13.82 6.28
C ALA A 538 19.86 14.13 6.36
N ASP A 539 20.29 15.32 5.86
CA ASP A 539 21.70 15.74 5.77
C ASP A 539 22.24 16.50 6.97
N SER A 540 21.37 16.77 7.96
CA SER A 540 21.67 17.48 9.20
C SER A 540 22.78 16.83 10.02
N THR A 541 23.81 17.61 10.33
CA THR A 541 24.93 17.21 11.20
C THR A 541 24.58 17.65 12.61
N GLY A 542 25.14 16.95 13.58
CA GLY A 542 24.90 17.25 14.99
C GLY A 542 23.50 16.90 15.39
N SER A 543 22.74 17.89 15.91
CA SER A 543 21.37 17.73 16.40
C SER A 543 20.34 17.46 15.29
N ASP A 544 19.16 16.93 15.68
CA ASP A 544 18.11 16.61 14.73
C ASP A 544 17.43 17.87 14.25
N THR A 545 17.11 17.89 12.95
CA THR A 545 16.41 18.95 12.27
C THR A 545 15.05 18.35 12.00
N LYS A 546 13.98 19.14 12.19
CA LYS A 546 12.60 18.74 12.00
C LYS A 546 12.02 19.21 10.67
N VAL A 547 11.16 18.36 10.06
CA VAL A 547 10.41 18.60 8.84
C VAL A 547 8.95 18.65 9.27
N ASN A 548 8.16 19.52 8.63
CA ASN A 548 6.73 19.58 8.91
C ASN A 548 5.97 19.39 7.61
N TRP A 549 5.12 18.37 7.58
CA TRP A 549 4.27 18.05 6.44
C TRP A 549 2.89 18.44 6.94
N SER A 550 2.37 19.54 6.38
CA SER A 550 1.13 20.14 6.86
C SER A 550 -0.13 19.75 6.10
N ASN A 551 -0.01 19.18 4.87
CA ASN A 551 -1.21 18.76 4.13
C ASN A 551 -1.44 17.26 4.28
N THR A 552 -1.46 16.83 5.53
CA THR A 552 -1.62 15.44 5.92
C THR A 552 -2.85 15.32 6.84
N GLN A 553 -3.24 14.09 7.21
CA GLN A 553 -4.40 13.82 8.05
C GLN A 553 -4.34 12.39 8.57
N SER A 554 -5.17 12.08 9.56
CA SER A 554 -5.22 10.74 10.10
C SER A 554 -6.70 10.30 10.21
N ARG A 555 -6.94 9.01 10.32
CA ARG A 555 -8.29 8.49 10.48
C ARG A 555 -8.31 7.15 11.15
N TYR A 556 -9.17 6.98 12.17
CA TYR A 556 -9.41 5.68 12.81
C TYR A 556 -10.05 4.78 11.76
N LEU A 557 -9.37 3.68 11.45
CA LEU A 557 -9.80 2.72 10.44
C LEU A 557 -9.68 1.29 10.99
N PRO A 558 -10.70 0.78 11.71
CA PRO A 558 -10.61 -0.60 12.24
C PRO A 558 -10.85 -1.63 11.14
N VAL A 559 -10.55 -2.93 11.40
CA VAL A 559 -10.82 -3.99 10.43
C VAL A 559 -12.34 -4.25 10.54
N PRO A 560 -13.00 -4.72 9.45
CA PRO A 560 -14.43 -5.07 9.56
C PRO A 560 -14.68 -6.11 10.67
N TYR A 561 -15.67 -5.85 11.54
CA TYR A 561 -16.02 -6.76 12.61
C TYR A 561 -16.55 -8.09 12.10
N ASN A 562 -17.03 -8.14 10.85
CA ASN A 562 -17.54 -9.39 10.27
C ASN A 562 -16.44 -10.30 9.68
N TYR A 563 -15.14 -10.02 9.97
CA TYR A 563 -14.03 -10.90 9.60
C TYR A 563 -13.73 -11.78 10.83
N SER A 564 -14.55 -11.59 11.91
CA SER A 564 -14.54 -12.31 13.17
C SER A 564 -15.93 -12.97 13.46
N GLU A 565 -15.94 -13.98 14.36
CA GLU A 565 -17.12 -14.76 14.73
C GLU A 565 -17.29 -14.90 16.26
N GLY A 566 -18.55 -15.01 16.70
CA GLY A 566 -18.94 -15.22 18.09
C GLY A 566 -18.35 -14.31 19.14
N ILE A 567 -18.62 -12.99 19.04
CA ILE A 567 -18.14 -11.96 19.97
C ILE A 567 -19.24 -11.70 21.03
N ILE A 568 -18.86 -11.65 22.33
CA ILE A 568 -19.74 -11.42 23.49
C ILE A 568 -20.01 -9.91 23.77
N ASP A 569 -21.22 -9.61 24.32
CA ASP A 569 -21.76 -8.30 24.71
C ASP A 569 -21.81 -8.11 26.27
N ALA A 570 -23.01 -7.78 26.84
CA ALA A 570 -23.30 -7.57 28.27
C ALA A 570 -23.78 -8.87 28.90
N SER A 582 -17.35 -12.96 31.47
CA SER A 582 -16.78 -13.48 30.21
C SER A 582 -16.90 -12.51 29.01
N VAL A 583 -15.75 -12.00 28.54
CA VAL A 583 -15.71 -11.17 27.35
C VAL A 583 -14.81 -11.81 26.29
N THR A 584 -14.94 -11.40 25.02
CA THR A 584 -14.07 -11.91 23.95
C THR A 584 -12.77 -11.08 23.93
N THR A 585 -11.61 -11.77 24.03
CA THR A 585 -10.28 -11.18 23.97
C THR A 585 -9.53 -11.72 22.73
N PHE A 586 -8.36 -11.13 22.41
CA PHE A 586 -7.56 -11.54 21.25
C PHE A 586 -7.27 -13.05 21.27
N SER A 587 -6.80 -13.58 22.41
CA SER A 587 -6.47 -15.01 22.57
C SER A 587 -7.63 -15.97 22.31
N GLY A 588 -8.88 -15.52 22.45
CA GLY A 588 -10.07 -16.31 22.18
C GLY A 588 -10.89 -15.91 20.96
N LEU A 589 -10.46 -14.88 20.20
CA LEU A 589 -11.22 -14.37 19.06
C LEU A 589 -11.10 -15.23 17.82
N LYS A 590 -12.25 -15.64 17.29
CA LYS A 590 -12.31 -16.49 16.12
C LYS A 590 -12.24 -15.72 14.83
N SER A 591 -11.16 -15.91 14.06
CA SER A 591 -11.09 -15.25 12.75
C SER A 591 -11.82 -16.07 11.70
N ILE A 592 -12.62 -15.40 10.85
CA ILE A 592 -13.30 -15.93 9.68
C ILE A 592 -12.90 -15.05 8.46
N ALA A 593 -11.70 -14.43 8.52
CA ALA A 593 -11.18 -13.51 7.48
C ALA A 593 -10.93 -14.23 6.13
N PRO A 594 -11.50 -13.71 5.01
CA PRO A 594 -11.32 -14.40 3.72
C PRO A 594 -10.23 -13.78 2.83
N ASP A 595 -9.55 -12.74 3.35
CA ASP A 595 -8.61 -11.96 2.54
C ASP A 595 -7.11 -12.37 2.65
N GLY A 596 -6.84 -13.62 3.05
CA GLY A 596 -5.50 -14.17 3.05
C GLY A 596 -4.76 -14.12 4.37
N PHE A 597 -5.31 -13.44 5.35
CA PHE A 597 -4.71 -13.36 6.68
C PHE A 597 -5.40 -14.30 7.59
N ALA A 598 -4.63 -14.95 8.47
CA ALA A 598 -5.15 -15.83 9.50
C ALA A 598 -5.72 -15.03 10.69
N ASN A 599 -5.31 -13.76 10.84
CA ASN A 599 -5.83 -12.89 11.90
C ASN A 599 -6.97 -12.03 11.35
N SER A 600 -7.81 -11.52 12.25
CA SER A 600 -8.90 -10.62 11.90
C SER A 600 -8.88 -9.37 12.79
N ILE A 601 -7.70 -9.03 13.35
CA ILE A 601 -7.56 -7.89 14.26
C ILE A 601 -6.70 -6.77 13.74
N ALA A 602 -5.68 -7.08 12.93
CA ALA A 602 -4.72 -6.09 12.47
C ALA A 602 -5.03 -5.60 11.04
N ASN A 603 -5.15 -4.27 10.87
CA ASN A 603 -5.43 -3.71 9.55
C ASN A 603 -4.20 -3.66 8.69
N PHE A 604 -4.41 -3.53 7.39
CA PHE A 604 -3.36 -3.59 6.38
C PHE A 604 -3.85 -2.78 5.20
N SER A 605 -2.93 -2.21 4.43
CA SER A 605 -3.25 -1.47 3.20
C SER A 605 -2.23 -1.78 2.15
N VAL A 606 -2.61 -1.64 0.89
CA VAL A 606 -1.76 -1.93 -0.25
C VAL A 606 -2.14 -1.11 -1.48
N GLY A 607 -1.13 -0.79 -2.27
CA GLY A 607 -1.23 -0.15 -3.57
C GLY A 607 -1.80 1.23 -3.70
N LEU A 608 -1.22 2.21 -3.00
CA LEU A 608 -1.68 3.58 -3.17
C LEU A 608 -1.38 4.01 -4.61
N LYS A 609 -2.41 4.50 -5.32
CA LYS A 609 -2.27 4.95 -6.69
C LYS A 609 -3.06 6.22 -6.97
N ALA A 610 -2.37 7.26 -7.41
CA ALA A 610 -2.97 8.54 -7.81
C ALA A 610 -3.47 8.45 -9.27
N GLY A 611 -4.44 9.30 -9.58
CA GLY A 611 -5.02 9.37 -10.90
C GLY A 611 -5.72 10.67 -11.25
N ILE A 612 -5.42 11.23 -12.44
CA ILE A 612 -6.12 12.43 -12.91
C ILE A 612 -7.47 12.01 -13.54
N ASP A 613 -8.56 12.62 -13.05
CA ASP A 613 -9.91 12.37 -13.55
C ASP A 613 -10.07 12.88 -15.02
N PRO A 614 -10.47 12.02 -15.99
CA PRO A 614 -10.67 12.51 -17.37
C PRO A 614 -11.91 13.36 -17.56
N ASN A 615 -12.87 13.29 -16.61
CA ASN A 615 -14.10 14.06 -16.66
C ASN A 615 -13.76 15.52 -16.46
N PRO A 616 -14.02 16.35 -17.49
CA PRO A 616 -13.66 17.78 -17.41
C PRO A 616 -14.39 18.55 -16.34
N VAL A 617 -13.68 19.53 -15.76
CA VAL A 617 -14.21 20.44 -14.74
C VAL A 617 -14.66 21.72 -15.44
N MET A 618 -15.49 22.53 -14.75
CA MET A 618 -15.96 23.81 -15.28
C MET A 618 -14.76 24.72 -15.63
N SER A 619 -14.87 25.53 -16.71
CA SER A 619 -13.78 26.43 -17.14
C SER A 619 -13.31 27.37 -16.01
N GLY A 620 -12.00 27.50 -15.90
CA GLY A 620 -11.36 28.34 -14.89
C GLY A 620 -10.90 27.58 -13.65
N LYS A 621 -11.22 26.27 -13.60
CA LYS A 621 -10.84 25.39 -12.51
C LYS A 621 -9.82 24.37 -13.01
N LYS A 622 -8.96 23.90 -12.10
CA LYS A 622 -7.92 22.93 -12.44
C LYS A 622 -8.47 21.51 -12.42
N ALA A 623 -7.98 20.66 -13.36
CA ALA A 623 -8.36 19.26 -13.53
C ALA A 623 -8.31 18.49 -12.21
N ASN A 624 -9.31 17.66 -11.99
CA ASN A 624 -9.47 16.88 -10.78
C ASN A 624 -8.56 15.70 -10.72
N TYR A 625 -8.12 15.36 -9.49
CA TYR A 625 -7.32 14.18 -9.21
C TYR A 625 -7.59 13.65 -7.79
N GLY A 626 -7.30 12.37 -7.62
CA GLY A 626 -7.46 11.66 -6.36
C GLY A 626 -6.52 10.48 -6.31
N ALA A 627 -6.66 9.72 -5.28
CA ALA A 627 -5.86 8.52 -5.13
C ALA A 627 -6.72 7.49 -4.45
N VAL A 628 -6.43 6.23 -4.68
CA VAL A 628 -7.16 5.16 -4.04
C VAL A 628 -6.15 4.21 -3.47
N VAL A 629 -6.57 3.47 -2.46
CA VAL A 629 -5.77 2.47 -1.77
C VAL A 629 -6.72 1.40 -1.24
N LEU A 630 -6.26 0.14 -1.24
CA LEU A 630 -7.06 -0.94 -0.71
C LEU A 630 -6.63 -1.21 0.73
N THR A 631 -7.60 -1.44 1.61
CA THR A 631 -7.37 -1.82 3.02
C THR A 631 -8.20 -3.10 3.26
N ARG A 632 -8.13 -3.70 4.47
CA ARG A 632 -8.91 -4.90 4.76
C ARG A 632 -10.42 -4.57 4.84
N GLY A 633 -11.19 -5.14 3.93
CA GLY A 633 -12.64 -4.95 3.89
C GLY A 633 -13.17 -3.81 3.06
N GLY A 634 -12.30 -3.04 2.40
CA GLY A 634 -12.75 -1.93 1.58
C GLY A 634 -11.71 -1.09 0.88
N VAL A 635 -12.19 -0.17 0.04
CA VAL A 635 -11.36 0.77 -0.72
C VAL A 635 -11.43 2.15 -0.08
N VAL A 636 -10.27 2.77 0.10
CA VAL A 636 -10.25 4.15 0.59
C VAL A 636 -9.93 5.07 -0.59
N ARG A 637 -10.73 6.12 -0.70
CA ARG A 637 -10.60 7.18 -1.69
C ARG A 637 -10.00 8.38 -0.97
N LEU A 638 -8.92 8.97 -1.53
CA LEU A 638 -8.27 10.18 -1.00
C LEU A 638 -8.61 11.36 -1.93
N ASN A 639 -9.17 12.42 -1.37
CA ASN A 639 -9.61 13.62 -2.10
C ASN A 639 -8.75 14.87 -1.86
N PHE A 640 -8.36 15.53 -2.96
CA PHE A 640 -7.53 16.71 -2.97
C PHE A 640 -8.19 17.89 -3.65
N ASN A 641 -7.75 19.10 -3.34
CA ASN A 641 -8.25 20.32 -3.96
C ASN A 641 -7.19 20.71 -5.00
N PRO A 642 -7.47 20.51 -6.31
CA PRO A 642 -6.44 20.79 -7.35
C PRO A 642 -5.99 22.24 -7.54
N GLY A 643 -6.79 23.18 -7.02
CA GLY A 643 -6.53 24.60 -7.09
C GLY A 643 -5.23 25.00 -6.38
N ASN A 644 -4.98 24.39 -5.21
CA ASN A 644 -3.77 24.65 -4.43
C ASN A 644 -3.06 23.38 -3.93
N ASP A 645 -3.35 22.21 -4.54
CA ASP A 645 -2.79 20.88 -4.18
C ASP A 645 -2.73 20.65 -2.64
N SER A 646 -3.91 20.81 -2.01
CA SER A 646 -4.19 20.61 -0.59
C SER A 646 -5.22 19.46 -0.44
N LEU A 647 -5.50 19.02 0.78
CA LEU A 647 -6.52 18.01 1.02
C LEU A 647 -7.90 18.66 0.86
N LEU A 648 -8.92 17.93 0.37
CA LEU A 648 -10.28 18.48 0.24
C LEU A 648 -10.86 18.73 1.64
N SER A 649 -11.62 19.81 1.81
CA SER A 649 -12.17 20.19 3.12
C SER A 649 -13.56 20.81 3.06
N THR A 650 -14.18 20.96 4.24
CA THR A 650 -15.52 21.55 4.43
C THR A 650 -15.50 22.43 5.68
N THR A 651 -16.32 23.47 5.67
CA THR A 651 -16.37 24.45 6.77
C THR A 651 -16.86 23.82 8.08
N ASP A 652 -17.83 22.86 8.02
CA ASP A 652 -18.35 22.20 9.23
C ASP A 652 -17.36 21.22 9.84
N ASN A 653 -16.95 21.50 11.09
CA ASN A 653 -16.02 20.69 11.87
C ASN A 653 -16.65 19.38 12.35
N ASN A 654 -18.01 19.32 12.39
CA ASN A 654 -18.81 18.13 12.76
C ASN A 654 -18.69 17.08 11.66
N ILE A 655 -18.60 17.53 10.40
CA ILE A 655 -18.43 16.63 9.26
C ILE A 655 -16.99 16.08 9.29
N ALA A 656 -16.85 14.74 9.21
CA ALA A 656 -15.55 14.05 9.17
C ALA A 656 -14.75 14.60 7.97
N PRO A 657 -13.43 14.86 8.09
CA PRO A 657 -12.66 15.42 6.96
C PRO A 657 -13.04 14.78 5.63
N ILE A 658 -13.48 15.60 4.65
CA ILE A 658 -13.97 15.10 3.36
C ILE A 658 -12.83 14.71 2.39
N SER A 659 -11.56 14.73 2.88
CA SER A 659 -10.38 14.27 2.15
C SER A 659 -10.32 12.70 2.17
N PHE A 660 -11.08 12.06 3.08
CA PHE A 660 -11.11 10.59 3.21
C PHE A 660 -12.52 10.05 3.04
N SER A 661 -12.63 9.01 2.19
CA SER A 661 -13.86 8.21 2.00
C SER A 661 -13.51 6.71 2.06
N PHE A 662 -14.31 5.92 2.80
CA PHE A 662 -14.15 4.45 2.87
C PHE A 662 -15.40 3.78 2.31
N THR A 663 -15.22 2.82 1.39
CA THR A 663 -16.33 2.05 0.83
C THR A 663 -16.12 0.55 1.06
N PRO A 664 -17.07 -0.15 1.74
CA PRO A 664 -16.91 -1.59 1.97
C PRO A 664 -16.92 -2.44 0.72
N PHE A 665 -16.16 -3.53 0.80
CA PHE A 665 -16.06 -4.57 -0.21
C PHE A 665 -17.32 -5.46 -0.03
N THR A 666 -17.71 -6.19 -1.08
CA THR A 666 -18.76 -7.21 -0.98
C THR A 666 -17.95 -8.50 -0.91
N ALA A 667 -18.61 -9.67 -0.81
CA ALA A 667 -17.93 -10.97 -0.69
C ALA A 667 -16.89 -11.27 -1.77
N ALA A 668 -17.08 -10.80 -3.01
CA ALA A 668 -16.18 -11.13 -4.12
C ALA A 668 -14.82 -10.49 -4.01
N GLU A 669 -14.76 -9.28 -3.43
CA GLU A 669 -13.55 -8.48 -3.26
C GLU A 669 -12.86 -8.88 -1.98
N SER A 670 -13.65 -9.20 -0.94
CA SER A 670 -13.18 -9.70 0.36
C SER A 670 -12.50 -11.07 0.22
N ALA A 671 -12.91 -11.87 -0.78
CA ALA A 671 -12.31 -13.21 -1.05
C ALA A 671 -10.87 -13.11 -1.58
N VAL A 672 -10.51 -11.93 -2.12
CA VAL A 672 -9.19 -11.66 -2.69
C VAL A 672 -8.12 -11.65 -1.59
N ASP A 673 -7.05 -12.45 -1.79
CA ASP A 673 -5.90 -12.52 -0.91
C ASP A 673 -5.07 -11.22 -1.10
N LEU A 674 -5.21 -10.24 -0.16
CA LEU A 674 -4.53 -8.94 -0.27
C LEU A 674 -3.01 -9.05 -0.26
N THR A 675 -2.45 -10.12 0.37
CA THR A 675 -1.00 -10.37 0.45
C THR A 675 -0.40 -10.77 -0.93
N THR A 676 -1.26 -11.05 -1.96
CA THR A 676 -0.81 -11.43 -3.31
C THR A 676 -0.80 -10.22 -4.28
N PHE A 677 -1.04 -8.98 -3.76
CA PHE A 677 -1.01 -7.77 -4.56
C PHE A 677 0.27 -7.69 -5.37
N LYS A 678 0.11 -7.63 -6.72
CA LYS A 678 1.24 -7.59 -7.66
C LYS A 678 1.60 -6.15 -8.09
N GLU A 679 0.60 -5.42 -8.59
CA GLU A 679 0.73 -4.06 -9.10
C GLU A 679 -0.63 -3.41 -9.24
N VAL A 680 -0.64 -2.08 -9.33
CA VAL A 680 -1.79 -1.22 -9.52
C VAL A 680 -1.44 -0.21 -10.62
N THR A 681 -2.33 -0.11 -11.62
CA THR A 681 -2.16 0.82 -12.72
C THR A 681 -3.43 1.65 -12.81
N TYR A 682 -3.29 2.82 -13.41
CA TYR A 682 -4.38 3.72 -13.66
C TYR A 682 -4.39 4.04 -15.17
N ASN A 683 -5.59 4.24 -15.71
CA ASN A 683 -5.75 4.61 -17.11
C ASN A 683 -6.49 5.93 -17.14
N GLN A 684 -5.82 6.99 -17.64
CA GLN A 684 -6.38 8.32 -17.69
C GLN A 684 -7.58 8.45 -18.59
N GLU A 685 -7.65 7.68 -19.70
CA GLU A 685 -8.81 7.74 -20.60
C GLU A 685 -10.12 7.27 -19.92
N SER A 686 -10.07 6.13 -19.19
CA SER A 686 -11.23 5.60 -18.46
C SER A 686 -11.47 6.24 -17.07
N GLY A 687 -10.39 6.57 -16.33
CA GLY A 687 -10.47 7.06 -14.97
C GLY A 687 -10.69 5.91 -13.98
N LEU A 688 -10.17 4.72 -14.36
CA LEU A 688 -10.26 3.50 -13.58
C LEU A 688 -8.89 2.95 -13.14
N TRP A 689 -8.80 2.56 -11.85
CA TRP A 689 -7.64 1.88 -11.24
C TRP A 689 -7.84 0.35 -11.39
N SER A 690 -6.77 -0.38 -11.77
CA SER A 690 -6.78 -1.83 -11.90
C SER A 690 -5.75 -2.38 -10.93
N TYR A 691 -6.22 -3.09 -9.88
CA TYR A 691 -5.37 -3.73 -8.88
C TYR A 691 -5.21 -5.18 -9.32
N ILE A 692 -3.97 -5.60 -9.58
CA ILE A 692 -3.62 -6.95 -10.03
C ILE A 692 -3.08 -7.74 -8.83
N PHE A 693 -3.59 -8.99 -8.67
CA PHE A 693 -3.25 -9.95 -7.62
C PHE A 693 -2.73 -11.20 -8.29
N ASP A 694 -1.49 -11.64 -7.95
CA ASP A 694 -0.85 -12.82 -8.54
C ASP A 694 -0.68 -13.92 -7.46
N SER A 695 -1.35 -15.07 -7.63
CA SER A 695 -1.28 -16.16 -6.65
C SER A 695 0.08 -16.86 -6.56
N SER A 696 0.99 -16.68 -7.53
CA SER A 696 2.33 -17.26 -7.44
C SER A 696 3.14 -16.55 -6.32
N LEU A 697 2.62 -15.41 -5.83
CA LEU A 697 3.24 -14.62 -4.76
C LEU A 697 3.00 -15.19 -3.35
N LYS A 698 2.17 -16.24 -3.25
CA LYS A 698 1.90 -16.94 -2.00
C LYS A 698 3.17 -17.72 -1.57
N PRO A 699 3.46 -17.84 -0.25
CA PRO A 699 4.64 -18.64 0.17
C PRO A 699 4.51 -20.12 -0.25
N SER A 700 5.65 -20.84 -0.33
CA SER A 700 5.69 -22.24 -0.74
C SER A 700 5.05 -23.20 0.29
N HIS A 701 5.17 -22.88 1.57
CA HIS A 701 4.67 -23.66 2.71
C HIS A 701 3.96 -22.79 3.77
N ASP A 702 3.02 -23.44 4.45
CA ASP A 702 2.14 -23.10 5.55
C ASP A 702 2.94 -22.79 6.85
N GLY A 703 2.23 -22.32 7.87
CA GLY A 703 2.77 -22.14 9.21
C GLY A 703 2.89 -23.51 9.87
N LYS A 704 2.33 -24.54 9.21
CA LYS A 704 2.40 -25.93 9.65
C LYS A 704 3.26 -26.75 8.66
N GLN A 705 4.16 -26.06 7.95
CA GLN A 705 5.12 -26.61 6.98
C GLN A 705 4.52 -27.48 5.88
N THR A 706 3.23 -27.25 5.55
CA THR A 706 2.50 -27.98 4.51
C THR A 706 2.58 -27.22 3.20
N PRO A 707 2.91 -27.89 2.05
CA PRO A 707 2.97 -27.17 0.77
C PRO A 707 1.68 -26.45 0.42
N VAL A 708 1.80 -25.25 -0.17
CA VAL A 708 0.67 -24.42 -0.60
C VAL A 708 0.28 -24.89 -2.02
N THR A 709 -0.98 -25.26 -2.21
CA THR A 709 -1.44 -25.79 -3.50
C THR A 709 -2.24 -24.80 -4.34
N ASP A 710 -2.83 -23.74 -3.73
CA ASP A 710 -3.60 -22.72 -4.46
C ASP A 710 -2.72 -21.51 -4.91
N ASN A 711 -1.44 -21.77 -5.27
CA ASN A 711 -0.44 -20.79 -5.74
C ASN A 711 -0.55 -20.52 -7.26
N MET A 712 -1.69 -20.81 -7.82
CA MET A 712 -1.96 -20.72 -9.24
C MET A 712 -3.07 -19.75 -9.51
N GLY A 713 -2.87 -18.94 -10.54
CA GLY A 713 -3.88 -17.97 -10.92
C GLY A 713 -3.54 -16.53 -10.61
N PHE A 714 -4.57 -15.70 -10.67
CA PHE A 714 -4.49 -14.27 -10.54
C PHE A 714 -5.89 -13.69 -10.40
N SER A 715 -5.95 -12.40 -10.06
CA SER A 715 -7.22 -11.69 -9.94
C SER A 715 -7.05 -10.19 -10.15
N VAL A 716 -8.09 -9.52 -10.72
CA VAL A 716 -8.11 -8.11 -11.02
C VAL A 716 -9.34 -7.39 -10.40
N ILE A 717 -9.09 -6.43 -9.50
CA ILE A 717 -10.12 -5.58 -8.86
C ILE A 717 -10.07 -4.22 -9.61
N THR A 718 -11.23 -3.71 -10.04
CA THR A 718 -11.34 -2.46 -10.75
C THR A 718 -11.93 -1.44 -9.79
N VAL A 719 -11.31 -0.25 -9.74
CA VAL A 719 -11.77 0.83 -8.89
C VAL A 719 -12.17 2.02 -9.77
N SER A 720 -13.39 2.53 -9.51
CA SER A 720 -14.00 3.65 -10.21
C SER A 720 -14.44 4.66 -9.16
N ARG A 721 -14.51 5.92 -9.53
CA ARG A 721 -14.98 6.99 -8.66
C ARG A 721 -16.51 6.93 -8.55
N THR A 722 -17.04 7.34 -7.41
CA THR A 722 -18.48 7.46 -7.21
C THR A 722 -18.69 8.77 -6.45
N GLY A 723 -19.93 9.26 -6.41
CA GLY A 723 -20.30 10.48 -5.70
C GLY A 723 -20.20 11.74 -6.53
N ILE A 724 -20.65 12.87 -5.93
CA ILE A 724 -20.62 14.21 -6.56
C ILE A 724 -19.20 14.83 -6.42
N GLU A 725 -18.52 14.99 -7.57
CA GLU A 725 -17.16 15.52 -7.72
C GLU A 725 -17.09 17.04 -7.71
N LEU A 726 -15.98 17.60 -7.17
CA LEU A 726 -15.70 19.05 -7.09
C LEU A 726 -15.62 19.71 -8.49
N ASN A 727 -15.99 21.02 -8.56
CA ASN A 727 -15.90 21.91 -9.73
C ASN A 727 -16.57 21.42 -11.02
N GLN A 728 -17.71 20.73 -10.88
CA GLN A 728 -18.50 20.25 -12.02
C GLN A 728 -19.38 21.40 -12.54
N ASP A 729 -19.98 22.13 -11.58
CA ASP A 729 -20.85 23.28 -11.77
C ASP A 729 -20.72 24.20 -10.55
N GLN A 730 -21.43 25.34 -10.56
CA GLN A 730 -21.37 26.37 -9.50
C GLN A 730 -21.69 25.85 -8.08
N ALA A 731 -22.62 24.86 -7.96
CA ALA A 731 -22.99 24.26 -6.66
C ALA A 731 -21.87 23.39 -6.05
N THR A 732 -21.12 22.67 -6.93
CA THR A 732 -20.02 21.75 -6.60
C THR A 732 -18.65 22.45 -6.34
N THR A 733 -18.62 23.80 -6.25
CA THR A 733 -17.41 24.57 -5.94
C THR A 733 -17.15 24.45 -4.43
N THR A 734 -18.21 24.11 -3.70
CA THR A 734 -18.19 23.77 -2.27
C THR A 734 -18.74 22.35 -2.17
N LEU A 735 -18.14 21.56 -1.26
CA LEU A 735 -18.53 20.18 -0.97
C LEU A 735 -18.63 19.97 0.53
N ASP A 736 -19.66 19.22 0.94
CA ASP A 736 -19.94 18.90 2.34
C ASP A 736 -20.07 17.38 2.48
N VAL A 737 -19.77 16.67 1.38
CA VAL A 737 -19.81 15.21 1.30
C VAL A 737 -18.57 14.75 0.50
N ALA A 738 -17.82 13.81 1.09
CA ALA A 738 -16.58 13.23 0.55
C ALA A 738 -16.77 12.40 -0.73
N PRO A 739 -16.20 12.79 -1.89
CA PRO A 739 -16.26 11.91 -3.08
C PRO A 739 -15.69 10.53 -2.74
N SER A 740 -16.31 9.49 -3.28
CA SER A 740 -15.97 8.12 -2.94
C SER A 740 -15.41 7.30 -4.11
N ALA A 741 -15.21 5.97 -3.89
CA ALA A 741 -14.75 4.98 -4.87
C ALA A 741 -15.43 3.64 -4.64
N LEU A 742 -15.28 2.71 -5.62
CA LEU A 742 -15.89 1.41 -5.56
C LEU A 742 -14.96 0.40 -6.19
N ALA A 743 -14.58 -0.62 -5.41
CA ALA A 743 -13.73 -1.72 -5.87
C ALA A 743 -14.68 -2.87 -6.28
N VAL A 744 -14.42 -3.46 -7.46
CA VAL A 744 -15.23 -4.52 -8.04
C VAL A 744 -14.31 -5.64 -8.49
N GLN A 745 -14.53 -6.87 -7.92
CA GLN A 745 -13.82 -8.08 -8.32
C GLN A 745 -14.62 -8.50 -9.55
N SER A 746 -14.32 -7.75 -10.62
CA SER A 746 -14.89 -7.52 -11.95
C SER A 746 -14.86 -8.64 -12.99
N GLY A 747 -14.74 -9.92 -12.62
CA GLY A 747 -14.69 -11.04 -13.57
C GLY A 747 -13.34 -11.46 -14.18
N ILE A 748 -12.27 -10.62 -14.12
CA ILE A 748 -10.96 -11.02 -14.66
C ILE A 748 -10.23 -11.83 -13.60
N GLN A 749 -10.14 -13.17 -13.79
CA GLN A 749 -9.50 -14.09 -12.82
C GLN A 749 -9.31 -15.50 -13.35
N SER A 750 -8.45 -16.26 -12.69
CA SER A 750 -8.10 -17.63 -13.00
C SER A 750 -7.51 -18.27 -11.77
N THR A 751 -7.72 -19.59 -11.62
CA THR A 751 -7.17 -20.40 -10.54
C THR A 751 -6.16 -21.37 -11.15
N THR A 752 -6.05 -21.39 -12.49
CA THR A 752 -5.26 -22.39 -13.21
C THR A 752 -4.06 -21.86 -13.95
N GLN A 753 -4.14 -20.61 -14.46
CA GLN A 753 -3.08 -19.99 -15.24
C GLN A 753 -2.05 -19.21 -14.42
N THR A 754 -0.80 -19.18 -14.92
CA THR A 754 0.33 -18.39 -14.42
C THR A 754 0.32 -17.07 -15.20
N LEU A 755 0.01 -15.97 -14.51
CA LEU A 755 -0.03 -14.62 -15.08
C LEU A 755 1.33 -14.12 -15.54
N THR A 756 1.35 -13.45 -16.70
CA THR A 756 2.51 -12.78 -17.25
C THR A 756 2.25 -11.28 -17.08
N GLY A 757 1.06 -10.83 -17.44
CA GLY A 757 0.66 -9.43 -17.30
C GLY A 757 -0.76 -9.19 -17.76
N VAL A 758 -1.38 -8.10 -17.26
CA VAL A 758 -2.74 -7.65 -17.61
C VAL A 758 -2.55 -6.31 -18.32
N LEU A 759 -3.18 -6.17 -19.49
CA LEU A 759 -3.08 -4.96 -20.27
C LEU A 759 -4.45 -4.31 -20.34
N PRO A 760 -4.68 -3.22 -19.58
CA PRO A 760 -5.98 -2.51 -19.60
C PRO A 760 -6.12 -1.66 -20.85
N LEU A 761 -6.56 -2.26 -21.96
CA LEU A 761 -6.69 -1.61 -23.25
C LEU A 761 -7.63 -0.41 -23.31
N SER A 762 -8.82 -0.54 -22.69
CA SER A 762 -9.87 0.49 -22.67
C SER A 762 -10.88 0.14 -21.57
N GLU A 763 -11.90 1.00 -21.37
CA GLU A 763 -12.96 0.70 -20.40
C GLU A 763 -13.72 -0.60 -20.79
N GLU A 764 -13.92 -0.82 -22.10
CA GLU A 764 -14.63 -1.98 -22.65
C GLU A 764 -13.77 -3.27 -22.70
N PHE A 765 -12.43 -3.17 -22.76
CA PHE A 765 -11.58 -4.37 -22.91
C PHE A 765 -10.30 -4.42 -22.09
N SER A 766 -9.85 -5.63 -21.78
CA SER A 766 -8.56 -5.89 -21.13
C SER A 766 -8.03 -7.14 -21.80
N ALA A 767 -6.71 -7.20 -21.99
CA ALA A 767 -5.99 -8.33 -22.55
C ALA A 767 -5.15 -8.94 -21.45
N VAL A 768 -5.17 -10.27 -21.32
CA VAL A 768 -4.41 -10.98 -20.31
C VAL A 768 -3.42 -11.93 -20.99
N ILE A 769 -2.15 -11.81 -20.67
CA ILE A 769 -1.12 -12.71 -21.18
C ILE A 769 -0.82 -13.69 -20.03
N ALA A 770 -1.10 -14.98 -20.22
CA ALA A 770 -0.85 -15.98 -19.18
C ALA A 770 -0.39 -17.27 -19.80
N LYS A 771 0.39 -18.04 -19.05
CA LYS A 771 0.87 -19.35 -19.48
C LYS A 771 -0.12 -20.41 -18.97
N ASP A 772 -0.69 -21.23 -19.87
CA ASP A 772 -1.59 -22.33 -19.44
C ASP A 772 -0.78 -23.65 -19.39
N SER A 773 0.54 -23.53 -19.69
CA SER A 773 1.58 -24.56 -19.71
C SER A 773 2.93 -23.85 -19.42
N ASP A 774 3.78 -23.74 -20.48
CA ASP A 774 5.10 -23.09 -20.53
C ASP A 774 5.02 -21.99 -21.61
N GLN A 775 3.97 -22.03 -22.46
CA GLN A 775 3.75 -21.09 -23.55
C GLN A 775 2.69 -20.05 -23.21
N ASN A 776 2.98 -18.77 -23.58
CA ASN A 776 2.13 -17.59 -23.39
C ASN A 776 0.88 -17.66 -24.31
N LYS A 777 -0.28 -17.40 -23.73
CA LYS A 777 -1.60 -17.39 -24.36
C LYS A 777 -2.24 -16.00 -24.13
N ILE A 778 -3.07 -15.52 -25.05
CA ILE A 778 -3.73 -14.22 -24.93
C ILE A 778 -5.22 -14.42 -24.70
N ASP A 779 -5.75 -13.78 -23.65
CA ASP A 779 -7.18 -13.81 -23.34
C ASP A 779 -7.74 -12.41 -23.34
N ILE A 780 -8.88 -12.23 -24.01
CA ILE A 780 -9.55 -10.96 -24.10
C ILE A 780 -10.80 -11.05 -23.24
N TYR A 781 -10.93 -10.09 -22.30
CA TYR A 781 -12.06 -9.97 -21.38
C TYR A 781 -12.87 -8.72 -21.79
N LYS A 782 -14.16 -8.89 -22.08
CA LYS A 782 -15.08 -7.83 -22.51
C LYS A 782 -15.87 -7.35 -21.31
N ASN A 783 -15.99 -6.03 -21.17
CA ASN A 783 -16.79 -5.42 -20.10
C ASN A 783 -18.26 -5.41 -20.55
N ASN A 784 -19.11 -6.12 -19.82
CA ASN A 784 -20.55 -6.21 -20.10
C ASN A 784 -21.27 -5.51 -18.95
N ASN A 785 -21.58 -4.22 -19.15
CA ASN A 785 -22.25 -3.31 -18.20
C ASN A 785 -21.66 -3.38 -16.77
N GLY A 786 -20.34 -3.22 -16.65
CA GLY A 786 -19.63 -3.25 -15.37
C GLY A 786 -18.95 -4.56 -14.98
N LEU A 787 -19.22 -5.65 -15.72
CA LEU A 787 -18.66 -6.95 -15.41
C LEU A 787 -17.91 -7.57 -16.58
N PHE A 788 -16.60 -7.78 -16.40
CA PHE A 788 -15.74 -8.41 -17.40
C PHE A 788 -15.97 -9.89 -17.47
N GLU A 789 -16.09 -10.39 -18.69
CA GLU A 789 -16.27 -11.80 -19.01
C GLU A 789 -15.34 -12.15 -20.17
N ILE A 790 -14.78 -13.37 -20.19
CA ILE A 790 -13.89 -13.77 -21.27
C ILE A 790 -14.63 -13.80 -22.60
N ASP A 791 -14.03 -13.21 -23.64
CA ASP A 791 -14.62 -13.32 -24.97
C ASP A 791 -13.71 -14.31 -25.66
N THR A 792 -14.16 -15.56 -25.81
CA THR A 792 -13.35 -16.64 -26.39
C THR A 792 -13.12 -16.49 -27.87
N GLN A 793 -14.10 -15.93 -28.62
CA GLN A 793 -13.94 -15.71 -30.05
C GLN A 793 -13.00 -14.54 -30.34
N LEU A 794 -13.05 -13.48 -29.51
CA LEU A 794 -12.15 -12.34 -29.64
C LEU A 794 -10.75 -12.73 -29.25
N SER A 795 -10.60 -13.57 -28.21
CA SER A 795 -9.31 -14.09 -27.73
C SER A 795 -8.60 -14.84 -28.88
N ASN A 796 -9.32 -15.71 -29.55
CA ASN A 796 -8.85 -16.52 -30.67
C ASN A 796 -8.46 -15.67 -31.86
N SER A 797 -9.24 -14.63 -32.16
CA SER A 797 -8.98 -13.64 -33.23
C SER A 797 -7.71 -12.85 -32.94
N VAL A 798 -7.58 -12.33 -31.70
CA VAL A 798 -6.44 -11.50 -31.31
C VAL A 798 -5.15 -12.36 -31.18
N ALA A 799 -5.26 -13.63 -30.77
CA ALA A 799 -4.10 -14.53 -30.60
C ALA A 799 -3.51 -15.04 -31.96
N THR A 800 -4.33 -15.05 -33.01
CA THR A 800 -3.97 -15.50 -34.35
C THR A 800 -3.25 -14.32 -35.04
N ASN A 801 -1.94 -14.25 -34.83
CA ASN A 801 -1.13 -13.17 -35.36
C ASN A 801 -0.01 -13.64 -36.31
N ASN A 802 0.08 -14.98 -36.56
CA ASN A 802 1.10 -15.65 -37.39
C ASN A 802 2.56 -15.32 -36.96
N GLY A 803 2.74 -15.04 -35.65
CA GLY A 803 4.05 -14.67 -35.10
C GLY A 803 4.44 -13.21 -35.31
N GLY A 804 3.56 -12.44 -35.98
CA GLY A 804 3.74 -11.02 -36.19
C GLY A 804 3.36 -10.22 -34.96
N LEU A 805 3.35 -8.90 -35.07
CA LEU A 805 3.04 -8.03 -33.92
C LEU A 805 1.54 -7.83 -33.64
N ALA A 806 0.70 -7.98 -34.67
CA ALA A 806 -0.72 -7.71 -34.57
C ALA A 806 -1.59 -8.86 -35.10
N PRO A 807 -2.88 -8.93 -34.65
CA PRO A 807 -3.80 -9.96 -35.18
C PRO A 807 -3.90 -9.85 -36.68
N SER A 808 -4.04 -10.98 -37.35
CA SER A 808 -4.17 -11.02 -38.80
C SER A 808 -5.58 -10.58 -39.26
N ALA A 809 -5.66 -10.04 -40.50
CA ALA A 809 -6.90 -9.57 -41.13
C ALA A 809 -7.28 -10.48 -42.33
N THR A 810 -8.17 -11.44 -42.06
CA THR A 810 -8.70 -12.42 -43.00
C THR A 810 -9.85 -11.81 -43.78
N GLU A 811 -9.86 -12.06 -45.11
CA GLU A 811 -10.84 -11.53 -46.04
C GLU A 811 -12.28 -11.92 -45.68
N ASN A 812 -12.53 -13.21 -45.44
CA ASN A 812 -13.88 -13.73 -45.20
C ASN A 812 -14.29 -13.89 -43.75
N ARG A 813 -13.50 -13.42 -42.79
CA ARG A 813 -13.81 -13.65 -41.40
C ARG A 813 -14.06 -12.38 -40.64
N VAL A 814 -15.00 -12.42 -39.68
CA VAL A 814 -15.23 -11.26 -38.82
C VAL A 814 -14.24 -11.49 -37.69
N ASP A 815 -13.00 -11.00 -37.86
CA ASP A 815 -11.97 -11.23 -36.86
C ASP A 815 -11.80 -10.00 -35.99
N ALA A 816 -10.62 -9.77 -35.40
CA ALA A 816 -10.35 -8.64 -34.51
C ALA A 816 -10.48 -7.30 -35.25
N TRP A 817 -10.34 -7.35 -36.59
CA TRP A 817 -10.40 -6.16 -37.43
C TRP A 817 -11.74 -6.05 -38.15
N GLY A 818 -12.74 -6.76 -37.62
CA GLY A 818 -14.09 -6.79 -38.17
C GLY A 818 -14.03 -7.53 -39.48
N LYS A 819 -14.81 -7.12 -40.45
CA LYS A 819 -14.81 -7.70 -41.82
C LYS A 819 -15.12 -6.56 -42.78
N VAL A 820 -14.31 -6.44 -43.85
CA VAL A 820 -14.43 -5.38 -44.85
C VAL A 820 -14.81 -6.00 -46.16
N GLU A 821 -15.91 -5.52 -46.74
CA GLU A 821 -16.37 -6.00 -48.05
C GLU A 821 -16.36 -4.80 -48.98
N PHE A 822 -15.61 -4.87 -50.09
CA PHE A 822 -15.53 -3.73 -51.00
C PHE A 822 -16.58 -3.82 -52.07
N ALA A 823 -17.02 -2.65 -52.56
CA ALA A 823 -17.97 -2.58 -53.66
C ALA A 823 -17.24 -3.01 -54.95
N ASP A 824 -17.99 -3.46 -55.94
CA ASP A 824 -17.45 -3.85 -57.25
C ASP A 824 -17.12 -2.54 -57.97
N ASN A 825 -16.28 -2.59 -59.01
CA ASN A 825 -15.92 -1.37 -59.74
C ASN A 825 -17.14 -0.64 -60.36
N SER A 826 -18.24 -1.39 -60.58
CA SER A 826 -19.51 -0.91 -61.14
C SER A 826 -20.21 0.12 -60.21
N VAL A 827 -19.68 0.32 -58.99
CA VAL A 827 -20.22 1.28 -58.03
C VAL A 827 -20.18 2.71 -58.65
N LEU A 828 -19.12 3.02 -59.43
CA LEU A 828 -18.89 4.33 -60.05
C LEU A 828 -19.96 4.69 -61.08
N GLN A 829 -20.28 3.76 -61.99
CA GLN A 829 -21.31 3.91 -63.02
C GLN A 829 -22.70 3.93 -62.39
N ALA A 830 -22.92 3.17 -61.30
CA ALA A 830 -24.18 3.09 -60.58
C ALA A 830 -24.57 4.45 -59.97
N ARG A 831 -23.70 5.06 -59.14
CA ARG A 831 -23.98 6.35 -58.51
C ARG A 831 -23.53 7.59 -59.34
N ASN A 832 -23.22 7.37 -60.64
CA ASN A 832 -22.75 8.36 -61.64
C ASN A 832 -21.56 9.23 -61.11
N LEU A 833 -20.60 8.54 -60.48
CA LEU A 833 -19.37 9.09 -59.91
C LEU A 833 -18.28 9.20 -60.99
N VAL A 834 -18.55 8.64 -62.20
CA VAL A 834 -17.69 8.63 -63.39
C VAL A 834 -17.46 10.04 -63.94
N ASP A 835 -18.37 10.97 -63.61
CA ASP A 835 -18.33 12.38 -63.97
C ASP A 835 -17.37 13.12 -63.03
N LYS A 836 -17.25 12.64 -61.77
CA LYS A 836 -16.36 13.20 -60.76
C LYS A 836 -14.90 12.77 -60.96
N THR A 837 -13.96 13.65 -60.63
CA THR A 837 -12.52 13.43 -60.74
C THR A 837 -12.01 12.69 -59.50
N VAL A 838 -10.83 12.06 -59.60
CA VAL A 838 -10.15 11.33 -58.52
C VAL A 838 -9.95 12.29 -57.33
N ASP A 839 -9.44 13.52 -57.61
CA ASP A 839 -9.17 14.60 -56.65
C ASP A 839 -10.42 14.96 -55.84
N GLU A 840 -11.58 15.08 -56.51
CA GLU A 840 -12.87 15.37 -55.88
C GLU A 840 -13.23 14.26 -54.90
N ILE A 841 -13.33 12.98 -55.40
CA ILE A 841 -13.66 11.78 -54.62
C ILE A 841 -12.79 11.71 -53.35
N ILE A 842 -11.46 11.88 -53.49
CA ILE A 842 -10.49 11.86 -52.39
C ILE A 842 -10.80 12.96 -51.33
N ASN A 843 -11.20 14.18 -51.80
CA ASN A 843 -11.56 15.33 -50.95
C ASN A 843 -13.07 15.39 -50.61
N THR A 844 -13.73 14.21 -50.49
CA THR A 844 -15.14 14.05 -50.12
C THR A 844 -15.25 12.74 -49.30
N PRO A 845 -15.02 12.78 -47.97
CA PRO A 845 -15.07 11.55 -47.15
C PRO A 845 -16.35 10.73 -47.27
N GLU A 846 -17.51 11.39 -47.28
CA GLU A 846 -18.83 10.75 -47.40
C GLU A 846 -18.96 9.84 -48.63
N ILE A 847 -18.26 10.15 -49.74
CA ILE A 847 -18.31 9.35 -50.96
C ILE A 847 -17.53 8.03 -50.81
N LEU A 848 -16.24 8.10 -50.40
CA LEU A 848 -15.44 6.88 -50.33
C LEU A 848 -15.91 5.89 -49.24
N ASN A 849 -16.74 6.32 -48.26
CA ASN A 849 -17.27 5.37 -47.29
C ASN A 849 -18.42 4.51 -47.90
N SER A 850 -18.85 4.85 -49.14
CA SER A 850 -19.84 4.05 -49.89
C SER A 850 -19.13 2.97 -50.75
N PHE A 851 -17.78 2.90 -50.65
CA PHE A 851 -16.99 1.92 -51.39
C PHE A 851 -16.82 0.60 -50.62
N PHE A 852 -17.27 0.57 -49.35
CA PHE A 852 -17.18 -0.63 -48.53
C PHE A 852 -18.38 -0.83 -47.56
N ARG A 853 -18.48 -2.07 -47.05
CA ARG A 853 -19.43 -2.49 -46.04
C ARG A 853 -18.54 -3.03 -44.94
N PHE A 854 -18.70 -2.50 -43.72
CA PHE A 854 -17.93 -2.96 -42.58
C PHE A 854 -18.78 -3.68 -41.52
N THR A 855 -18.38 -4.92 -41.20
CA THR A 855 -19.01 -5.68 -40.16
C THR A 855 -18.11 -5.57 -38.92
N PRO A 856 -18.58 -4.96 -37.80
CA PRO A 856 -17.73 -4.86 -36.61
C PRO A 856 -17.63 -6.15 -35.81
N ALA A 857 -16.51 -6.40 -35.13
CA ALA A 857 -16.31 -7.59 -34.28
C ALA A 857 -16.93 -7.34 -32.90
N PHE A 858 -17.00 -6.06 -32.49
CA PHE A 858 -17.57 -5.63 -31.23
C PHE A 858 -18.37 -4.37 -31.48
N GLU A 859 -19.29 -4.05 -30.58
CA GLU A 859 -20.18 -2.92 -30.78
C GLU A 859 -19.45 -1.60 -30.78
N ASP A 860 -19.82 -0.78 -31.77
CA ASP A 860 -19.31 0.56 -32.04
C ASP A 860 -17.85 0.54 -32.52
N GLN A 861 -17.37 -0.62 -33.06
CA GLN A 861 -16.05 -0.69 -33.66
C GLN A 861 -16.14 0.07 -35.00
N LYS A 862 -15.37 1.11 -35.16
CA LYS A 862 -15.48 1.88 -36.39
C LYS A 862 -14.37 1.60 -37.38
N ALA A 863 -14.68 1.85 -38.67
CA ALA A 863 -13.76 1.76 -39.79
C ALA A 863 -13.96 2.94 -40.75
N THR A 864 -12.87 3.43 -41.39
CA THR A 864 -12.90 4.49 -42.43
C THR A 864 -11.94 4.07 -43.52
N LEU A 865 -12.10 4.61 -44.74
CA LEU A 865 -11.20 4.31 -45.86
C LEU A 865 -10.19 5.44 -46.08
N VAL A 866 -8.91 5.08 -46.33
CA VAL A 866 -7.83 6.03 -46.63
C VAL A 866 -7.52 5.89 -48.15
N ALA A 867 -7.82 6.96 -48.94
CA ALA A 867 -7.61 6.96 -50.40
C ALA A 867 -6.28 7.54 -50.88
N THR A 868 -5.73 7.00 -51.98
CA THR A 868 -4.49 7.43 -52.61
C THR A 868 -4.72 7.47 -54.12
N LYS A 869 -4.48 8.63 -54.77
CA LYS A 869 -4.57 8.76 -56.21
C LYS A 869 -3.50 7.83 -56.80
N GLN A 870 -3.90 6.95 -57.75
CA GLN A 870 -2.99 5.97 -58.35
C GLN A 870 -2.58 6.31 -59.76
N SER A 871 -3.44 7.07 -60.44
CA SER A 871 -3.33 7.55 -61.80
C SER A 871 -4.35 8.71 -61.92
N ASP A 872 -4.47 9.34 -63.09
CA ASP A 872 -5.42 10.44 -63.28
C ASP A 872 -6.90 10.00 -63.30
N THR A 873 -7.13 8.67 -63.42
CA THR A 873 -8.46 8.05 -63.54
C THR A 873 -8.75 7.01 -62.47
N SER A 874 -7.79 6.73 -61.57
CA SER A 874 -7.93 5.70 -60.58
C SER A 874 -7.34 6.05 -59.22
N LEU A 875 -7.94 5.43 -58.18
CA LEU A 875 -7.49 5.60 -56.80
C LEU A 875 -7.51 4.25 -56.09
N SER A 876 -6.71 4.11 -55.03
CA SER A 876 -6.73 2.92 -54.20
C SER A 876 -7.18 3.31 -52.80
N VAL A 877 -7.98 2.47 -52.15
CA VAL A 877 -8.46 2.68 -50.78
C VAL A 877 -7.97 1.58 -49.87
N SER A 878 -7.73 1.93 -48.60
CA SER A 878 -7.29 0.96 -47.60
C SER A 878 -7.98 1.31 -46.29
N PRO A 879 -8.48 0.31 -45.51
CA PRO A 879 -9.18 0.65 -44.26
C PRO A 879 -8.27 1.12 -43.13
N ARG A 880 -8.87 1.89 -42.22
CA ARG A 880 -8.32 2.46 -40.99
C ARG A 880 -9.36 2.00 -39.99
N ILE A 881 -9.00 0.97 -39.21
CA ILE A 881 -9.88 0.24 -38.32
C ILE A 881 -9.45 0.36 -36.87
N GLN A 882 -10.46 0.55 -36.01
CA GLN A 882 -10.33 0.73 -34.58
C GLN A 882 -10.14 -0.63 -33.88
N PHE A 883 -9.19 -0.70 -32.96
CA PHE A 883 -8.92 -1.94 -32.23
C PHE A 883 -9.58 -1.85 -30.85
N LEU A 884 -9.42 -2.88 -30.00
CA LEU A 884 -9.99 -2.97 -28.66
C LEU A 884 -9.65 -1.81 -27.76
N ASP A 885 -8.51 -1.13 -28.03
CA ASP A 885 -8.00 0.01 -27.29
C ASP A 885 -8.67 1.35 -27.66
N GLY A 886 -9.47 1.37 -28.74
CA GLY A 886 -10.15 2.57 -29.20
C GLY A 886 -9.40 3.42 -30.21
N ASN A 887 -8.11 3.11 -30.43
CA ASN A 887 -7.29 3.78 -31.44
C ASN A 887 -7.52 3.16 -32.80
N PHE A 888 -7.24 3.91 -33.86
CA PHE A 888 -7.36 3.47 -35.25
C PHE A 888 -5.99 3.03 -35.79
N TYR A 889 -5.98 1.93 -36.55
CA TYR A 889 -4.77 1.36 -37.15
C TYR A 889 -4.94 1.22 -38.64
N ASP A 890 -3.86 1.43 -39.39
CA ASP A 890 -3.87 1.35 -40.85
C ASP A 890 -2.54 0.74 -41.32
N LEU A 891 -2.31 0.69 -42.66
CA LEU A 891 -1.09 0.11 -43.25
C LEU A 891 0.22 0.74 -42.73
N ASN A 892 0.18 2.01 -42.32
CA ASN A 892 1.35 2.76 -41.88
C ASN A 892 1.52 2.92 -40.37
N SER A 893 0.78 2.16 -39.56
CA SER A 893 0.82 2.25 -38.10
C SER A 893 2.08 1.66 -37.51
N THR A 894 2.58 2.29 -36.44
CA THR A 894 3.76 1.84 -35.73
C THR A 894 3.46 1.78 -34.21
N ILE A 895 4.24 1.00 -33.47
CA ILE A 895 4.28 0.94 -32.00
C ILE A 895 5.78 1.04 -31.75
N ALA A 896 6.20 2.04 -30.95
CA ALA A 896 7.61 2.31 -30.62
C ALA A 896 8.45 2.52 -31.89
N GLY A 897 7.85 3.13 -32.91
CA GLY A 897 8.47 3.32 -34.21
C GLY A 897 8.55 2.08 -35.10
N VAL A 898 8.17 0.90 -34.57
CA VAL A 898 8.22 -0.35 -35.33
C VAL A 898 6.94 -0.50 -36.18
N PRO A 899 7.05 -0.61 -37.53
CA PRO A 899 5.83 -0.84 -38.34
C PRO A 899 5.16 -2.15 -37.97
N LEU A 900 3.84 -2.09 -37.74
CA LEU A 900 3.04 -3.26 -37.33
C LEU A 900 2.77 -4.21 -38.48
N ASN A 901 2.66 -3.66 -39.70
CA ASN A 901 2.36 -4.39 -40.94
C ASN A 901 1.15 -5.34 -40.74
N ILE A 902 0.01 -4.77 -40.26
CA ILE A 902 -1.23 -5.48 -39.93
C ILE A 902 -1.76 -6.28 -41.13
N GLY A 903 -1.65 -5.73 -42.32
CA GLY A 903 -2.08 -6.51 -43.48
C GLY A 903 -3.52 -6.33 -43.86
N PHE A 904 -3.99 -5.08 -43.89
CA PHE A 904 -5.35 -4.74 -44.30
C PHE A 904 -5.42 -4.83 -45.82
N PRO A 905 -6.61 -5.08 -46.40
CA PRO A 905 -6.71 -5.13 -47.86
C PRO A 905 -6.66 -3.74 -48.48
N SER A 906 -6.38 -3.69 -49.77
CA SER A 906 -6.41 -2.48 -50.55
C SER A 906 -7.32 -2.74 -51.75
N ARG A 907 -7.86 -1.68 -52.32
CA ARG A 907 -8.77 -1.79 -53.44
C ARG A 907 -8.59 -0.61 -54.33
N VAL A 908 -8.32 -0.88 -55.60
CA VAL A 908 -8.18 0.10 -56.65
C VAL A 908 -9.56 0.23 -57.33
N PHE A 909 -10.03 1.48 -57.58
CA PHE A 909 -11.27 1.79 -58.32
C PHE A 909 -10.83 2.67 -59.44
N ALA A 910 -11.17 2.29 -60.67
CA ALA A 910 -10.78 3.00 -61.87
C ALA A 910 -11.99 3.35 -62.70
N GLY A 911 -11.88 4.41 -63.49
CA GLY A 911 -12.94 4.89 -64.37
C GLY A 911 -13.42 6.29 -64.07
N PHE A 912 -12.74 7.01 -63.16
CA PHE A 912 -13.06 8.39 -62.79
C PHE A 912 -12.51 9.34 -63.87
N ALA A 913 -13.18 10.50 -64.10
CA ALA A 913 -12.76 11.47 -65.11
C ALA A 913 -11.38 12.08 -64.84
N ALA A 914 -10.55 12.17 -65.91
CA ALA A 914 -9.19 12.72 -65.89
C ALA A 914 -9.22 14.23 -65.55
N LEU A 915 -10.13 14.97 -66.22
CA LEU A 915 -10.35 16.41 -66.05
C LEU A 915 -11.85 16.71 -65.82
N PRO A 916 -12.22 17.84 -65.13
CA PRO A 916 -13.66 18.12 -64.86
C PRO A 916 -14.46 18.52 -66.11
K K B . -11.49 -9.68 -41.28
#